data_1Y0N
# 
_entry.id   1Y0N 
# 
_audit_conform.dict_name       mmcif_pdbx.dic 
_audit_conform.dict_version    5.399 
_audit_conform.dict_location   http://mmcif.pdb.org/dictionaries/ascii/mmcif_pdbx.dic 
# 
loop_
_database_2.database_id 
_database_2.database_code 
_database_2.pdbx_database_accession 
_database_2.pdbx_DOI 
PDB   1Y0N         pdb_00001y0n 10.2210/pdb1y0n/pdb 
RCSB  RCSB030966   ?            ?                   
WWPDB D_1000030966 ?            ?                   
# 
loop_
_pdbx_audit_revision_history.ordinal 
_pdbx_audit_revision_history.data_content_type 
_pdbx_audit_revision_history.major_revision 
_pdbx_audit_revision_history.minor_revision 
_pdbx_audit_revision_history.revision_date 
1 'Structure model' 1 0 2004-12-21 
2 'Structure model' 1 1 2008-04-30 
3 'Structure model' 1 2 2011-07-13 
4 'Structure model' 1 3 2024-03-06 
5 'Structure model' 1 4 2024-12-25 
# 
_pdbx_audit_revision_details.ordinal             1 
_pdbx_audit_revision_details.revision_ordinal    1 
_pdbx_audit_revision_details.data_content_type   'Structure model' 
_pdbx_audit_revision_details.provider            repository 
_pdbx_audit_revision_details.type                'Initial release' 
_pdbx_audit_revision_details.description         ? 
_pdbx_audit_revision_details.details             ? 
# 
loop_
_pdbx_audit_revision_group.ordinal 
_pdbx_audit_revision_group.revision_ordinal 
_pdbx_audit_revision_group.data_content_type 
_pdbx_audit_revision_group.group 
1 2 'Structure model' 'Version format compliance' 
2 3 'Structure model' 'Source and taxonomy'       
3 3 'Structure model' 'Version format compliance' 
4 4 'Structure model' 'Data collection'           
5 4 'Structure model' 'Database references'       
6 4 'Structure model' 'Derived calculations'      
7 5 'Structure model' Advisory                    
8 5 'Structure model' 'Derived calculations'      
9 5 'Structure model' 'Structure summary'         
# 
loop_
_pdbx_audit_revision_category.ordinal 
_pdbx_audit_revision_category.revision_ordinal 
_pdbx_audit_revision_category.data_content_type 
_pdbx_audit_revision_category.category 
1  4 'Structure model' chem_comp_atom              
2  4 'Structure model' chem_comp_bond              
3  4 'Structure model' database_2                  
4  4 'Structure model' pdbx_database_related       
5  4 'Structure model' struct_conn                 
6  4 'Structure model' struct_ref_seq_dif          
7  4 'Structure model' struct_site                 
8  5 'Structure model' pdbx_entry_details          
9  5 'Structure model' pdbx_validate_close_contact 
10 5 'Structure model' struct_conn                 
# 
loop_
_pdbx_audit_revision_item.ordinal 
_pdbx_audit_revision_item.revision_ordinal 
_pdbx_audit_revision_item.data_content_type 
_pdbx_audit_revision_item.item 
1 4 'Structure model' '_database_2.pdbx_DOI'                
2 4 'Structure model' '_database_2.pdbx_database_accession' 
3 4 'Structure model' '_pdbx_database_related.db_name'      
4 4 'Structure model' '_struct_conn.pdbx_leaving_atom_flag' 
5 4 'Structure model' '_struct_ref_seq_dif.details'         
6 4 'Structure model' '_struct_site.pdbx_auth_asym_id'      
7 4 'Structure model' '_struct_site.pdbx_auth_comp_id'      
8 4 'Structure model' '_struct_site.pdbx_auth_seq_id'       
# 
_pdbx_database_status.status_code                     REL 
_pdbx_database_status.entry_id                        1Y0N 
_pdbx_database_status.recvd_initial_deposition_date   2004-11-15 
_pdbx_database_status.deposit_site                    RCSB 
_pdbx_database_status.process_site                    RCSB 
_pdbx_database_status.SG_entry                        Y 
_pdbx_database_status.status_code_sf                  REL 
_pdbx_database_status.status_code_mr                  ? 
_pdbx_database_status.pdb_format_compatible           Y 
_pdbx_database_status.status_code_cs                  ? 
_pdbx_database_status.methods_development_category    ? 
_pdbx_database_status.status_code_nmr_data            ? 
# 
_pdbx_database_related.db_name        TargetDB 
_pdbx_database_related.db_id          apc5056 
_pdbx_database_related.details        . 
_pdbx_database_related.content_type   unspecified 
# 
loop_
_audit_author.name 
_audit_author.pdbx_ordinal 
'Binkowski, T.A.'                               1 
'Edwards, A.'                                   2 
'Savchenko, A.'                                 3 
'Skarina, T.'                                   4 
'Gorodichtchenskaia, E.'                        5 
'Joachimiak, A.'                                6 
'Midwest Center for Structural Genomics (MCSG)' 7 
# 
_citation.id                        primary 
_citation.title                     'Hypothetical protein PA3463 from Pseudomonas aeruginosa strain PAO1' 
_citation.journal_abbrev            'To be Published' 
_citation.journal_volume            ? 
_citation.page_first                ? 
_citation.page_last                 ? 
_citation.year                      ? 
_citation.journal_id_ASTM           ? 
_citation.country                   ? 
_citation.journal_id_ISSN           ? 
_citation.journal_id_CSD            0353 
_citation.book_publisher            ? 
_citation.pdbx_database_id_PubMed   ? 
_citation.pdbx_database_id_DOI      ? 
# 
loop_
_citation_author.citation_id 
_citation_author.name 
_citation_author.ordinal 
_citation_author.identifier_ORCID 
primary 'Binkowski, T.A.'                               1 ? 
primary 'Edwards, A.'                                   2 ? 
primary 'Savchenko, A.'                                 3 ? 
primary 'Skarina, T.'                                   4 ? 
primary 'Gorodichtchenskaia, E.'                        5 ? 
primary 'Joachimiak, A.'                                6 ? 
primary 'Midwest Center for Structural Genomics (MCSG)' 7 ? 
# 
loop_
_entity.id 
_entity.type 
_entity.src_method 
_entity.pdbx_description 
_entity.formula_weight 
_entity.pdbx_number_of_molecules 
_entity.pdbx_ec 
_entity.pdbx_mutation 
_entity.pdbx_fragment 
_entity.details 
1 polymer     man 'Hypothetical UPF0270 protein PA3463' 8902.952 1  ? ? ? ? 
2 non-polymer syn GLYCEROL                              92.094   4  ? ? ? ? 
3 water       nat water                                 18.015   28 ? ? ? ? 
# 
_entity_poly.entity_id                      1 
_entity_poly.type                           'polypeptide(L)' 
_entity_poly.nstd_linkage                   no 
_entity_poly.nstd_monomer                   no 
_entity_poly.pdbx_seq_one_letter_code       GHMLIPHDLLEADTLNNLLEDFVTREGTDNGDETPLDVRVERARHALRRGEAVILFDPESQQCQLMLRSEVPAELLRD 
_entity_poly.pdbx_seq_one_letter_code_can   GHMLIPHDLLEADTLNNLLEDFVTREGTDNGDETPLDVRVERARHALRRGEAVILFDPESQQCQLMLRSEVPAELLRD 
_entity_poly.pdbx_strand_id                 A 
_entity_poly.pdbx_target_identifier         APC5056 
# 
loop_
_pdbx_entity_nonpoly.entity_id 
_pdbx_entity_nonpoly.name 
_pdbx_entity_nonpoly.comp_id 
2 GLYCEROL GOL 
3 water    HOH 
# 
loop_
_entity_poly_seq.entity_id 
_entity_poly_seq.num 
_entity_poly_seq.mon_id 
_entity_poly_seq.hetero 
1 1  GLY n 
1 2  HIS n 
1 3  MET n 
1 4  LEU n 
1 5  ILE n 
1 6  PRO n 
1 7  HIS n 
1 8  ASP n 
1 9  LEU n 
1 10 LEU n 
1 11 GLU n 
1 12 ALA n 
1 13 ASP n 
1 14 THR n 
1 15 LEU n 
1 16 ASN n 
1 17 ASN n 
1 18 LEU n 
1 19 LEU n 
1 20 GLU n 
1 21 ASP n 
1 22 PHE n 
1 23 VAL n 
1 24 THR n 
1 25 ARG n 
1 26 GLU n 
1 27 GLY n 
1 28 THR n 
1 29 ASP n 
1 30 ASN n 
1 31 GLY n 
1 32 ASP n 
1 33 GLU n 
1 34 THR n 
1 35 PRO n 
1 36 LEU n 
1 37 ASP n 
1 38 VAL n 
1 39 ARG n 
1 40 VAL n 
1 41 GLU n 
1 42 ARG n 
1 43 ALA n 
1 44 ARG n 
1 45 HIS n 
1 46 ALA n 
1 47 LEU n 
1 48 ARG n 
1 49 ARG n 
1 50 GLY n 
1 51 GLU n 
1 52 ALA n 
1 53 VAL n 
1 54 ILE n 
1 55 LEU n 
1 56 PHE n 
1 57 ASP n 
1 58 PRO n 
1 59 GLU n 
1 60 SER n 
1 61 GLN n 
1 62 GLN n 
1 63 CYS n 
1 64 GLN n 
1 65 LEU n 
1 66 MET n 
1 67 LEU n 
1 68 ARG n 
1 69 SER n 
1 70 GLU n 
1 71 VAL n 
1 72 PRO n 
1 73 ALA n 
1 74 GLU n 
1 75 LEU n 
1 76 LEU n 
1 77 ARG n 
1 78 ASP n 
# 
_entity_src_gen.entity_id                          1 
_entity_src_gen.pdbx_src_id                        1 
_entity_src_gen.pdbx_alt_source_flag               sample 
_entity_src_gen.pdbx_seq_type                      ? 
_entity_src_gen.pdbx_beg_seq_num                   ? 
_entity_src_gen.pdbx_end_seq_num                   ? 
_entity_src_gen.gene_src_common_name               ? 
_entity_src_gen.gene_src_genus                     Pseudomonas 
_entity_src_gen.pdbx_gene_src_gene                 PA3463 
_entity_src_gen.gene_src_species                   'Pseudomonas aeruginosa' 
_entity_src_gen.gene_src_strain                    PAO1 
_entity_src_gen.gene_src_tissue                    ? 
_entity_src_gen.gene_src_tissue_fraction           ? 
_entity_src_gen.gene_src_details                   ? 
_entity_src_gen.pdbx_gene_src_fragment             ? 
_entity_src_gen.pdbx_gene_src_scientific_name      'Pseudomonas aeruginosa' 
_entity_src_gen.pdbx_gene_src_ncbi_taxonomy_id     208964 
_entity_src_gen.pdbx_gene_src_variant              ? 
_entity_src_gen.pdbx_gene_src_cell_line            ? 
_entity_src_gen.pdbx_gene_src_atcc                 ? 
_entity_src_gen.pdbx_gene_src_organ                ? 
_entity_src_gen.pdbx_gene_src_organelle            ? 
_entity_src_gen.pdbx_gene_src_cell                 ? 
_entity_src_gen.pdbx_gene_src_cellular_location    ? 
_entity_src_gen.host_org_common_name               ? 
_entity_src_gen.pdbx_host_org_scientific_name      'Escherichia coli BL21(DE3)' 
_entity_src_gen.pdbx_host_org_ncbi_taxonomy_id     469008 
_entity_src_gen.host_org_genus                     Escherichia 
_entity_src_gen.pdbx_host_org_gene                 ? 
_entity_src_gen.pdbx_host_org_organ                ? 
_entity_src_gen.host_org_species                   'Escherichia coli' 
_entity_src_gen.pdbx_host_org_tissue               ? 
_entity_src_gen.pdbx_host_org_tissue_fraction      ? 
_entity_src_gen.pdbx_host_org_strain               'BL21(DE3)' 
_entity_src_gen.pdbx_host_org_variant              ? 
_entity_src_gen.pdbx_host_org_cell_line            ? 
_entity_src_gen.pdbx_host_org_atcc                 ? 
_entity_src_gen.pdbx_host_org_culture_collection   ? 
_entity_src_gen.pdbx_host_org_cell                 ? 
_entity_src_gen.pdbx_host_org_organelle            ? 
_entity_src_gen.pdbx_host_org_cellular_location    ? 
_entity_src_gen.pdbx_host_org_vector_type          plasmid 
_entity_src_gen.pdbx_host_org_vector               ? 
_entity_src_gen.host_org_details                   ? 
_entity_src_gen.expression_system_id               ? 
_entity_src_gen.plasmid_name                       PET15b 
_entity_src_gen.plasmid_details                    ? 
_entity_src_gen.pdbx_description                   ? 
# 
loop_
_chem_comp.id 
_chem_comp.type 
_chem_comp.mon_nstd_flag 
_chem_comp.name 
_chem_comp.pdbx_synonyms 
_chem_comp.formula 
_chem_comp.formula_weight 
ALA 'L-peptide linking' y ALANINE         ?                               'C3 H7 N O2'     89.093  
ARG 'L-peptide linking' y ARGININE        ?                               'C6 H15 N4 O2 1' 175.209 
ASN 'L-peptide linking' y ASPARAGINE      ?                               'C4 H8 N2 O3'    132.118 
ASP 'L-peptide linking' y 'ASPARTIC ACID' ?                               'C4 H7 N O4'     133.103 
CYS 'L-peptide linking' y CYSTEINE        ?                               'C3 H7 N O2 S'   121.158 
GLN 'L-peptide linking' y GLUTAMINE       ?                               'C5 H10 N2 O3'   146.144 
GLU 'L-peptide linking' y 'GLUTAMIC ACID' ?                               'C5 H9 N O4'     147.129 
GLY 'peptide linking'   y GLYCINE         ?                               'C2 H5 N O2'     75.067  
GOL non-polymer         . GLYCEROL        'GLYCERIN; PROPANE-1,2,3-TRIOL' 'C3 H8 O3'       92.094  
HIS 'L-peptide linking' y HISTIDINE       ?                               'C6 H10 N3 O2 1' 156.162 
HOH non-polymer         . WATER           ?                               'H2 O'           18.015  
ILE 'L-peptide linking' y ISOLEUCINE      ?                               'C6 H13 N O2'    131.173 
LEU 'L-peptide linking' y LEUCINE         ?                               'C6 H13 N O2'    131.173 
MET 'L-peptide linking' y METHIONINE      ?                               'C5 H11 N O2 S'  149.211 
PHE 'L-peptide linking' y PHENYLALANINE   ?                               'C9 H11 N O2'    165.189 
PRO 'L-peptide linking' y PROLINE         ?                               'C5 H9 N O2'     115.130 
SER 'L-peptide linking' y SERINE          ?                               'C3 H7 N O3'     105.093 
THR 'L-peptide linking' y THREONINE       ?                               'C4 H9 N O3'     119.119 
VAL 'L-peptide linking' y VALINE          ?                               'C5 H11 N O2'    117.146 
# 
loop_
_pdbx_poly_seq_scheme.asym_id 
_pdbx_poly_seq_scheme.entity_id 
_pdbx_poly_seq_scheme.seq_id 
_pdbx_poly_seq_scheme.mon_id 
_pdbx_poly_seq_scheme.ndb_seq_num 
_pdbx_poly_seq_scheme.pdb_seq_num 
_pdbx_poly_seq_scheme.auth_seq_num 
_pdbx_poly_seq_scheme.pdb_mon_id 
_pdbx_poly_seq_scheme.auth_mon_id 
_pdbx_poly_seq_scheme.pdb_strand_id 
_pdbx_poly_seq_scheme.pdb_ins_code 
_pdbx_poly_seq_scheme.hetero 
A 1 1  GLY 1  -1 -1 GLY GLY A . n 
A 1 2  HIS 2  0  0  HIS HIS A . n 
A 1 3  MET 3  1  1  MET MET A . n 
A 1 4  LEU 4  2  2  LEU LEU A . n 
A 1 5  ILE 5  3  3  ILE ILE A . n 
A 1 6  PRO 6  4  4  PRO PRO A . n 
A 1 7  HIS 7  5  5  HIS HIS A . n 
A 1 8  ASP 8  6  6  ASP ASP A . n 
A 1 9  LEU 9  7  7  LEU LEU A . n 
A 1 10 LEU 10 8  8  LEU LEU A . n 
A 1 11 GLU 11 9  9  GLU GLU A . n 
A 1 12 ALA 12 10 10 ALA ALA A . n 
A 1 13 ASP 13 11 11 ASP ASP A . n 
A 1 14 THR 14 12 12 THR THR A . n 
A 1 15 LEU 15 13 13 LEU LEU A . n 
A 1 16 ASN 16 14 14 ASN ASN A . n 
A 1 17 ASN 17 15 15 ASN ASN A . n 
A 1 18 LEU 18 16 16 LEU LEU A . n 
A 1 19 LEU 19 17 17 LEU LEU A . n 
A 1 20 GLU 20 18 18 GLU GLU A . n 
A 1 21 ASP 21 19 19 ASP ASP A . n 
A 1 22 PHE 22 20 20 PHE PHE A . n 
A 1 23 VAL 23 21 21 VAL VAL A . n 
A 1 24 THR 24 22 22 THR THR A . n 
A 1 25 ARG 25 23 23 ARG ARG A . n 
A 1 26 GLU 26 24 ?  ?   ?   A . n 
A 1 27 GLY 27 25 ?  ?   ?   A . n 
A 1 28 THR 28 26 ?  ?   ?   A . n 
A 1 29 ASP 29 27 ?  ?   ?   A . n 
A 1 30 ASN 30 28 ?  ?   ?   A . n 
A 1 31 GLY 31 29 ?  ?   ?   A . n 
A 1 32 ASP 32 30 ?  ?   ?   A . n 
A 1 33 GLU 33 31 31 GLU GLU A . n 
A 1 34 THR 34 32 32 THR THR A . n 
A 1 35 PRO 35 33 33 PRO PRO A . n 
A 1 36 LEU 36 34 34 LEU LEU A . n 
A 1 37 ASP 37 35 35 ASP ASP A . n 
A 1 38 VAL 38 36 36 VAL VAL A . n 
A 1 39 ARG 39 37 37 ARG ARG A . n 
A 1 40 VAL 40 38 38 VAL VAL A . n 
A 1 41 GLU 41 39 39 GLU GLU A . n 
A 1 42 ARG 42 40 40 ARG ARG A . n 
A 1 43 ALA 43 41 41 ALA ALA A . n 
A 1 44 ARG 44 42 42 ARG ARG A . n 
A 1 45 HIS 45 43 43 HIS HIS A . n 
A 1 46 ALA 46 44 44 ALA ALA A . n 
A 1 47 LEU 47 45 45 LEU LEU A . n 
A 1 48 ARG 48 46 46 ARG ARG A . n 
A 1 49 ARG 49 47 47 ARG ARG A . n 
A 1 50 GLY 50 48 48 GLY GLY A . n 
A 1 51 GLU 51 49 49 GLU GLU A . n 
A 1 52 ALA 52 50 50 ALA ALA A . n 
A 1 53 VAL 53 51 51 VAL VAL A . n 
A 1 54 ILE 54 52 52 ILE ILE A . n 
A 1 55 LEU 55 53 53 LEU LEU A . n 
A 1 56 PHE 56 54 54 PHE PHE A . n 
A 1 57 ASP 57 55 55 ASP ASP A . n 
A 1 58 PRO 58 56 56 PRO PRO A . n 
A 1 59 GLU 59 57 57 GLU GLU A . n 
A 1 60 SER 60 58 58 SER SER A . n 
A 1 61 GLN 61 59 59 GLN GLN A . n 
A 1 62 GLN 62 60 60 GLN GLN A . n 
A 1 63 CYS 63 61 61 CYS CYS A . n 
A 1 64 GLN 64 62 62 GLN GLN A . n 
A 1 65 LEU 65 63 63 LEU LEU A . n 
A 1 66 MET 66 64 64 MET MET A . n 
A 1 67 LEU 67 65 65 LEU LEU A . n 
A 1 68 ARG 68 66 66 ARG ARG A . n 
A 1 69 SER 69 67 67 SER SER A . n 
A 1 70 GLU 70 68 68 GLU GLU A . n 
A 1 71 VAL 71 69 69 VAL VAL A . n 
A 1 72 PRO 72 70 70 PRO PRO A . n 
A 1 73 ALA 73 71 71 ALA ALA A . n 
A 1 74 GLU 74 72 72 GLU GLU A . n 
A 1 75 LEU 75 73 73 LEU LEU A . n 
A 1 76 LEU 76 74 74 LEU LEU A . n 
A 1 77 ARG 77 75 75 ARG ARG A . n 
A 1 78 ASP 78 76 76 ASP ASP A . n 
# 
loop_
_pdbx_nonpoly_scheme.asym_id 
_pdbx_nonpoly_scheme.entity_id 
_pdbx_nonpoly_scheme.mon_id 
_pdbx_nonpoly_scheme.ndb_seq_num 
_pdbx_nonpoly_scheme.pdb_seq_num 
_pdbx_nonpoly_scheme.auth_seq_num 
_pdbx_nonpoly_scheme.pdb_mon_id 
_pdbx_nonpoly_scheme.auth_mon_id 
_pdbx_nonpoly_scheme.pdb_strand_id 
_pdbx_nonpoly_scheme.pdb_ins_code 
B 2 GOL 1  101 1  GOL GOL A . 
C 2 GOL 1  104 4  GOL GOL A . 
D 2 GOL 1  102 2  GOL GOL A . 
E 2 GOL 1  103 3  GOL GOL A . 
F 3 HOH 1  105 1  HOH HOH A . 
F 3 HOH 2  106 2  HOH HOH A . 
F 3 HOH 3  107 3  HOH HOH A . 
F 3 HOH 4  108 4  HOH HOH A . 
F 3 HOH 5  109 5  HOH HOH A . 
F 3 HOH 6  110 11 HOH HOH A . 
F 3 HOH 7  111 12 HOH HOH A . 
F 3 HOH 8  112 14 HOH HOH A . 
F 3 HOH 9  113 17 HOH HOH A . 
F 3 HOH 10 114 19 HOH HOH A . 
F 3 HOH 11 115 20 HOH HOH A . 
F 3 HOH 12 116 21 HOH HOH A . 
F 3 HOH 13 117 25 HOH HOH A . 
F 3 HOH 14 118 28 HOH HOH A . 
F 3 HOH 15 119 30 HOH HOH A . 
F 3 HOH 16 120 31 HOH HOH A . 
F 3 HOH 17 121 32 HOH HOH A . 
F 3 HOH 18 122 33 HOH HOH A . 
F 3 HOH 19 123 37 HOH HOH A . 
F 3 HOH 20 124 39 HOH HOH A . 
F 3 HOH 21 125 40 HOH HOH A . 
F 3 HOH 22 126 42 HOH HOH A . 
F 3 HOH 23 127 43 HOH HOH A . 
F 3 HOH 24 128 47 HOH HOH A . 
F 3 HOH 25 129 49 HOH HOH A . 
F 3 HOH 26 130 57 HOH HOH A . 
F 3 HOH 27 131 65 HOH HOH A . 
F 3 HOH 28 132 68 HOH HOH A . 
# 
loop_
_software.name 
_software.classification 
_software.version 
_software.citation_id 
_software.pdbx_ordinal 
REFMAC   refinement       5.2.0005 ? 1 
HKL-2000 'data reduction' .        ? 2 
HKL-2000 'data scaling'   .        ? 3 
SHARP    phasing          .        ? 4 
# 
_cell.entry_id           1Y0N 
_cell.length_a           78.311 
_cell.length_b           78.311 
_cell.length_c           52.510 
_cell.angle_alpha        90.00 
_cell.angle_beta         90.00 
_cell.angle_gamma        120.00 
_cell.Z_PDB              12 
_cell.pdbx_unique_axis   ? 
_cell.length_a_esd       ? 
_cell.length_b_esd       ? 
_cell.length_c_esd       ? 
_cell.angle_alpha_esd    ? 
_cell.angle_beta_esd     ? 
_cell.angle_gamma_esd    ? 
# 
_symmetry.entry_id                         1Y0N 
_symmetry.space_group_name_H-M             'P 61 2 2' 
_symmetry.pdbx_full_space_group_name_H-M   ? 
_symmetry.cell_setting                     ? 
_symmetry.Int_Tables_number                178 
_symmetry.space_group_name_Hall            ? 
# 
_exptl.entry_id          1Y0N 
_exptl.method            'X-RAY DIFFRACTION' 
_exptl.crystals_number   1 
# 
_exptl_crystal.id                    1 
_exptl_crystal.density_meas          ? 
_exptl_crystal.density_Matthews      2.81 
_exptl_crystal.density_percent_sol   56.26 
_exptl_crystal.description           ? 
_exptl_crystal.F_000                 ? 
_exptl_crystal.preparation           ? 
# 
_exptl_crystal_grow.crystal_id      1 
_exptl_crystal_grow.method          'VAPOR DIFFUSION' 
_exptl_crystal_grow.temp            298 
_exptl_crystal_grow.temp_details    ? 
_exptl_crystal_grow.pH              7.5 
_exptl_crystal_grow.pdbx_details    'Na Citrate 1.4M, 0.1M Hepes Na, pH 7.5, VAPOR DIFFUSION, temperature 298K' 
_exptl_crystal_grow.pdbx_pH_range   . 
# 
_diffrn.id                     1 
_diffrn.ambient_temp           150 
_diffrn.ambient_temp_details   ? 
_diffrn.crystal_id             1 
# 
_diffrn_detector.diffrn_id              1 
_diffrn_detector.detector               CCD 
_diffrn_detector.type                   SBC-2 
_diffrn_detector.pdbx_collection_date   2004-07-21 
_diffrn_detector.details                ? 
# 
_diffrn_radiation.diffrn_id                        1 
_diffrn_radiation.wavelength_id                    1 
_diffrn_radiation.pdbx_monochromatic_or_laue_m_l   M 
_diffrn_radiation.monochromator                    'Double crystal' 
_diffrn_radiation.pdbx_diffrn_protocol             'SINGLE WAVELENGTH' 
_diffrn_radiation.pdbx_scattering_type             x-ray 
# 
_diffrn_radiation_wavelength.id           1 
_diffrn_radiation_wavelength.wavelength   .97945 
_diffrn_radiation_wavelength.wt           1.0 
# 
_diffrn_source.diffrn_id                   1 
_diffrn_source.source                      SYNCHROTRON 
_diffrn_source.type                        'APS BEAMLINE 19-BM' 
_diffrn_source.pdbx_synchrotron_site       APS 
_diffrn_source.pdbx_synchrotron_beamline   19-BM 
_diffrn_source.pdbx_wavelength             ? 
_diffrn_source.pdbx_wavelength_list        .97945 
# 
_reflns.entry_id                     1Y0N 
_reflns.number_all                   ? 
_reflns.number_obs                   6791 
_reflns.percent_possible_obs         ? 
_reflns.observed_criterion_sigma_F   ? 
_reflns.observed_criterion_sigma_I   ? 
_reflns.d_resolution_high            2.00 
_reflns.d_resolution_low             28.51 
_reflns.pdbx_Rmerge_I_obs            ? 
_reflns.pdbx_Rsym_value              ? 
_reflns.pdbx_netI_over_sigmaI        ? 
_reflns.B_iso_Wilson_estimate        ? 
_reflns.pdbx_redundancy              ? 
_reflns.R_free_details               ? 
_reflns.limit_h_max                  ? 
_reflns.limit_h_min                  ? 
_reflns.limit_k_max                  ? 
_reflns.limit_k_min                  ? 
_reflns.limit_l_max                  ? 
_reflns.limit_l_min                  ? 
_reflns.observed_criterion_F_max     ? 
_reflns.observed_criterion_F_min     ? 
_reflns.pdbx_chi_squared             ? 
_reflns.pdbx_scaling_rejects         ? 
_reflns.pdbx_ordinal                 1 
_reflns.pdbx_diffrn_id               1 
# 
_reflns_shell.d_res_high             2.002 
_reflns_shell.d_res_low              2.07 
_reflns_shell.percent_possible_all   ? 
_reflns_shell.Rmerge_I_obs           ? 
_reflns_shell.pdbx_Rsym_value        ? 
_reflns_shell.meanI_over_sigI_obs    ? 
_reflns_shell.pdbx_redundancy        ? 
_reflns_shell.percent_possible_obs   ? 
_reflns_shell.number_unique_all      ? 
_reflns_shell.number_measured_all    ? 
_reflns_shell.number_measured_obs    ? 
_reflns_shell.number_unique_obs      ? 
_reflns_shell.pdbx_chi_squared       ? 
_reflns_shell.pdbx_ordinal           1 
_reflns_shell.pdbx_diffrn_id         1 
# 
_refine.entry_id                                 1Y0N 
_refine.ls_number_reflns_obs                     6366 
_refine.ls_number_reflns_all                     6688 
_refine.pdbx_ls_sigma_I                          ? 
_refine.pdbx_ls_sigma_F                          0 
_refine.pdbx_data_cutoff_high_absF               ? 
_refine.pdbx_data_cutoff_low_absF                ? 
_refine.pdbx_data_cutoff_high_rms_absF           ? 
_refine.ls_d_res_low                             28.51 
_refine.ls_d_res_high                            2.00 
_refine.ls_percent_reflns_obs                    98.57 
_refine.ls_R_factor_obs                          0.24761 
_refine.ls_R_factor_all                          0.24761 
_refine.ls_R_factor_R_work                       0.24565 
_refine.ls_R_factor_R_free                       0.28893 
_refine.ls_R_factor_R_free_error                 ? 
_refine.ls_R_factor_R_free_error_details         ? 
_refine.ls_percent_reflns_R_free                 4.8 
_refine.ls_number_reflns_R_free                  322 
_refine.ls_number_parameters                     ? 
_refine.ls_number_restraints                     ? 
_refine.occupancy_min                            ? 
_refine.occupancy_max                            ? 
_refine.correlation_coeff_Fo_to_Fc               0.936 
_refine.correlation_coeff_Fo_to_Fc_free          0.919 
_refine.B_iso_mean                               42.996 
_refine.aniso_B[1][1]                            -0.12 
_refine.aniso_B[2][2]                            -0.12 
_refine.aniso_B[3][3]                            0.18 
_refine.aniso_B[1][2]                            -0.06 
_refine.aniso_B[1][3]                            0.00 
_refine.aniso_B[2][3]                            0.00 
_refine.solvent_model_details                    MASK 
_refine.solvent_model_param_ksol                 ? 
_refine.solvent_model_param_bsol                 ? 
_refine.pdbx_solvent_vdw_probe_radii             1.20 
_refine.pdbx_solvent_ion_probe_radii             0.80 
_refine.pdbx_solvent_shrinkage_radii             0.80 
_refine.pdbx_ls_cross_valid_method               THROUGHOUT 
_refine.details                                  'HYDROGENS HAVE BEEN ADDED IN THE RIDING POSITIONS' 
_refine.pdbx_starting_model                      ? 
_refine.pdbx_method_to_determine_struct          SAD 
_refine.pdbx_isotropic_thermal_model             ? 
_refine.pdbx_stereochemistry_target_values       'MAXIMUM LIKELIHOOD' 
_refine.pdbx_stereochem_target_val_spec_case     ? 
_refine.pdbx_R_Free_selection_details            RANDOM 
_refine.pdbx_overall_ESU_R                       0.202 
_refine.pdbx_overall_ESU_R_Free                  0.185 
_refine.overall_SU_ML                            0.128 
_refine.overall_SU_B                             8.785 
_refine.ls_redundancy_reflns_obs                 ? 
_refine.B_iso_min                                ? 
_refine.B_iso_max                                ? 
_refine.overall_SU_R_Cruickshank_DPI             ? 
_refine.overall_SU_R_free                        ? 
_refine.ls_wR_factor_R_free                      ? 
_refine.ls_wR_factor_R_work                      ? 
_refine.overall_FOM_free_R_set                   ? 
_refine.overall_FOM_work_R_set                   ? 
_refine.pdbx_refine_id                           'X-RAY DIFFRACTION' 
_refine.pdbx_diffrn_id                           1 
_refine.pdbx_TLS_residual_ADP_flag               ? 
_refine.pdbx_overall_phase_error                 ? 
_refine.pdbx_overall_SU_R_free_Cruickshank_DPI   ? 
_refine.pdbx_overall_SU_R_Blow_DPI               ? 
_refine.pdbx_overall_SU_R_free_Blow_DPI          ? 
# 
_refine_hist.pdbx_refine_id                   'X-RAY DIFFRACTION' 
_refine_hist.cycle_id                         LAST 
_refine_hist.pdbx_number_atoms_protein        574 
_refine_hist.pdbx_number_atoms_nucleic_acid   0 
_refine_hist.pdbx_number_atoms_ligand         24 
_refine_hist.number_atoms_solvent             28 
_refine_hist.number_atoms_total               626 
_refine_hist.d_res_high                       2.00 
_refine_hist.d_res_low                        28.51 
# 
loop_
_refine_ls_restr.type 
_refine_ls_restr.dev_ideal 
_refine_ls_restr.dev_ideal_target 
_refine_ls_restr.weight 
_refine_ls_restr.number 
_refine_ls_restr.pdbx_refine_id 
_refine_ls_restr.pdbx_restraint_function 
r_bond_refined_d         0.022  0.021  ? 601 'X-RAY DIFFRACTION' ? 
r_bond_other_d           ?      ?      ? ?   'X-RAY DIFFRACTION' ? 
r_angle_refined_deg      2.075  2.019  ? 805 'X-RAY DIFFRACTION' ? 
r_angle_other_deg        ?      ?      ? ?   'X-RAY DIFFRACTION' ? 
r_dihedral_angle_1_deg   6.919  5.000  ? 69  'X-RAY DIFFRACTION' ? 
r_dihedral_angle_2_deg   35.133 23.438 ? 32  'X-RAY DIFFRACTION' ? 
r_dihedral_angle_3_deg   16.117 15.000 ? 106 'X-RAY DIFFRACTION' ? 
r_dihedral_angle_4_deg   20.833 15.000 ? 8   'X-RAY DIFFRACTION' ? 
r_chiral_restr           0.140  0.200  ? 92  'X-RAY DIFFRACTION' ? 
r_gen_planes_refined     0.008  0.020  ? 440 'X-RAY DIFFRACTION' ? 
r_gen_planes_other       ?      ?      ? ?   'X-RAY DIFFRACTION' ? 
r_nbd_refined            0.269  0.200  ? 247 'X-RAY DIFFRACTION' ? 
r_nbd_other              ?      ?      ? ?   'X-RAY DIFFRACTION' ? 
r_nbtor_refined          0.300  0.200  ? 389 'X-RAY DIFFRACTION' ? 
r_nbtor_other            ?      ?      ? ?   'X-RAY DIFFRACTION' ? 
r_xyhbond_nbd_refined    0.323  0.200  ? 33  'X-RAY DIFFRACTION' ? 
r_xyhbond_nbd_other      ?      ?      ? ?   'X-RAY DIFFRACTION' ? 
r_metal_ion_refined      ?      ?      ? ?   'X-RAY DIFFRACTION' ? 
r_metal_ion_other        ?      ?      ? ?   'X-RAY DIFFRACTION' ? 
r_symmetry_vdw_refined   0.689  0.200  ? 65  'X-RAY DIFFRACTION' ? 
r_symmetry_vdw_other     ?      ?      ? ?   'X-RAY DIFFRACTION' ? 
r_symmetry_hbond_refined 0.509  0.200  ? 9   'X-RAY DIFFRACTION' ? 
r_symmetry_hbond_other   ?      ?      ? ?   'X-RAY DIFFRACTION' ? 
r_mcbond_it              1.594  1.500  ? 370 'X-RAY DIFFRACTION' ? 
r_mcbond_other           ?      ?      ? ?   'X-RAY DIFFRACTION' ? 
r_mcangle_it             2.622  2.000  ? 573 'X-RAY DIFFRACTION' ? 
r_scbond_it              3.922  3.000  ? 248 'X-RAY DIFFRACTION' ? 
r_scangle_it             5.607  4.500  ? 232 'X-RAY DIFFRACTION' ? 
r_rigid_bond_restr       ?      ?      ? ?   'X-RAY DIFFRACTION' ? 
r_sphericity_free        ?      ?      ? ?   'X-RAY DIFFRACTION' ? 
r_sphericity_bonded      ?      ?      ? ?   'X-RAY DIFFRACTION' ? 
# 
_refine_ls_shell.pdbx_total_number_of_bins_used   20 
_refine_ls_shell.d_res_high                       2.002 
_refine_ls_shell.d_res_low                        2.053 
_refine_ls_shell.number_reflns_R_work             404 
_refine_ls_shell.R_factor_R_work                  0.399 
_refine_ls_shell.percent_reflns_obs               88.91 
_refine_ls_shell.R_factor_R_free                  0.501 
_refine_ls_shell.R_factor_R_free_error            ? 
_refine_ls_shell.percent_reflns_R_free            ? 
_refine_ls_shell.number_reflns_R_free             21 
_refine_ls_shell.number_reflns_obs                ? 
_refine_ls_shell.redundancy_reflns_obs            ? 
_refine_ls_shell.number_reflns_all                ? 
_refine_ls_shell.R_factor_all                     ? 
_refine_ls_shell.pdbx_refine_id                   'X-RAY DIFFRACTION' 
# 
_struct.entry_id                  1Y0N 
_struct.title                     'Structure of Protein of Unknown Function PA3463 from Pseudomonas aeruginosa PAO1' 
_struct.pdbx_model_details        ? 
_struct.pdbx_CASP_flag            ? 
_struct.pdbx_model_type_details   ? 
# 
_struct_keywords.entry_id        1Y0N 
_struct_keywords.pdbx_keywords   'STRUCTURAL GENOMICS, UNKNOWN FUNCTION' 
_struct_keywords.text            
;MCSG, Midwest Center for Structural Genomics, Protein Structure Initiative, PSI, structural genomics, Pseudomonsa aeruginosa, hypothetical protein, UNKNOWN FUNCTION
;
# 
loop_
_struct_asym.id 
_struct_asym.pdbx_blank_PDB_chainid_flag 
_struct_asym.pdbx_modified 
_struct_asym.entity_id 
_struct_asym.details 
A N N 1 ? 
B N N 2 ? 
C N N 2 ? 
D N N 2 ? 
E N N 2 ? 
F N N 3 ? 
# 
_struct_ref.id                         1 
_struct_ref.db_name                    UNP 
_struct_ref.db_code                    Y3463_PSEAE 
_struct_ref.pdbx_db_accession          Q9HYE3 
_struct_ref.entity_id                  1 
_struct_ref.pdbx_seq_one_letter_code   MLIPHDLLEADTLNNLLEDFVTREGTDNGDETPLDVRVERARHALRRGEAVILFDPESQQCQLMLRSEVPAELLRD 
_struct_ref.pdbx_align_begin           1 
_struct_ref.pdbx_db_isoform            ? 
# 
_struct_ref_seq.align_id                      1 
_struct_ref_seq.ref_id                        1 
_struct_ref_seq.pdbx_PDB_id_code              1Y0N 
_struct_ref_seq.pdbx_strand_id                A 
_struct_ref_seq.seq_align_beg                 3 
_struct_ref_seq.pdbx_seq_align_beg_ins_code   ? 
_struct_ref_seq.seq_align_end                 78 
_struct_ref_seq.pdbx_seq_align_end_ins_code   ? 
_struct_ref_seq.pdbx_db_accession             Q9HYE3 
_struct_ref_seq.db_align_beg                  1 
_struct_ref_seq.pdbx_db_align_beg_ins_code    ? 
_struct_ref_seq.db_align_end                  76 
_struct_ref_seq.pdbx_db_align_end_ins_code    ? 
_struct_ref_seq.pdbx_auth_seq_align_beg       1 
_struct_ref_seq.pdbx_auth_seq_align_end       76 
# 
loop_
_struct_ref_seq_dif.align_id 
_struct_ref_seq_dif.pdbx_pdb_id_code 
_struct_ref_seq_dif.mon_id 
_struct_ref_seq_dif.pdbx_pdb_strand_id 
_struct_ref_seq_dif.seq_num 
_struct_ref_seq_dif.pdbx_pdb_ins_code 
_struct_ref_seq_dif.pdbx_seq_db_name 
_struct_ref_seq_dif.pdbx_seq_db_accession_code 
_struct_ref_seq_dif.db_mon_id 
_struct_ref_seq_dif.pdbx_seq_db_seq_num 
_struct_ref_seq_dif.details 
_struct_ref_seq_dif.pdbx_auth_seq_num 
_struct_ref_seq_dif.pdbx_ordinal 
1 1Y0N GLY A 1 ? UNP Q9HYE3 ? ? 'cloning artifact' -1 1 
1 1Y0N HIS A 2 ? UNP Q9HYE3 ? ? 'cloning artifact' 0  2 
# 
_pdbx_struct_assembly.id                   1 
_pdbx_struct_assembly.details              author_defined_assembly 
_pdbx_struct_assembly.method_details       ? 
_pdbx_struct_assembly.oligomeric_details   monomeric 
_pdbx_struct_assembly.oligomeric_count     1 
# 
_pdbx_struct_assembly_gen.assembly_id       1 
_pdbx_struct_assembly_gen.oper_expression   1 
_pdbx_struct_assembly_gen.asym_id_list      A,B,C,D,E,F 
# 
_pdbx_struct_oper_list.id                   1 
_pdbx_struct_oper_list.type                 'identity operation' 
_pdbx_struct_oper_list.name                 1_555 
_pdbx_struct_oper_list.symmetry_operation   x,y,z 
_pdbx_struct_oper_list.matrix[1][1]         1.0000000000 
_pdbx_struct_oper_list.matrix[1][2]         0.0000000000 
_pdbx_struct_oper_list.matrix[1][3]         0.0000000000 
_pdbx_struct_oper_list.vector[1]            0.0000000000 
_pdbx_struct_oper_list.matrix[2][1]         0.0000000000 
_pdbx_struct_oper_list.matrix[2][2]         1.0000000000 
_pdbx_struct_oper_list.matrix[2][3]         0.0000000000 
_pdbx_struct_oper_list.vector[2]            0.0000000000 
_pdbx_struct_oper_list.matrix[3][1]         0.0000000000 
_pdbx_struct_oper_list.matrix[3][2]         0.0000000000 
_pdbx_struct_oper_list.matrix[3][3]         1.0000000000 
_pdbx_struct_oper_list.vector[3]            0.0000000000 
# 
loop_
_struct_conf.conf_type_id 
_struct_conf.id 
_struct_conf.pdbx_PDB_helix_id 
_struct_conf.beg_label_comp_id 
_struct_conf.beg_label_asym_id 
_struct_conf.beg_label_seq_id 
_struct_conf.pdbx_beg_PDB_ins_code 
_struct_conf.end_label_comp_id 
_struct_conf.end_label_asym_id 
_struct_conf.end_label_seq_id 
_struct_conf.pdbx_end_PDB_ins_code 
_struct_conf.beg_auth_comp_id 
_struct_conf.beg_auth_asym_id 
_struct_conf.beg_auth_seq_id 
_struct_conf.end_auth_comp_id 
_struct_conf.end_auth_asym_id 
_struct_conf.end_auth_seq_id 
_struct_conf.pdbx_PDB_helix_class 
_struct_conf.details 
_struct_conf.pdbx_PDB_helix_length 
HELX_P HELX_P1 1 PRO A 6  ? LEU A 10 ? PRO A 4  LEU A 8  5 ? 5  
HELX_P HELX_P2 2 GLU A 11 ? ARG A 25 ? GLU A 9  ARG A 23 1 ? 15 
HELX_P HELX_P3 3 PRO A 35 ? ARG A 49 ? PRO A 33 ARG A 47 1 ? 15 
HELX_P HELX_P4 4 SER A 69 ? VAL A 71 ? SER A 67 VAL A 69 5 ? 3  
HELX_P HELX_P5 5 PRO A 72 ? LEU A 76 ? PRO A 70 LEU A 74 5 ? 5  
# 
_struct_conf_type.id          HELX_P 
_struct_conf_type.criteria    ? 
_struct_conf_type.reference   ? 
# 
_struct_conn.id                            covale1 
_struct_conn.conn_type_id                  covale 
_struct_conn.pdbx_leaving_atom_flag        none 
_struct_conn.pdbx_PDB_id                   ? 
_struct_conn.ptnr1_label_asym_id           D 
_struct_conn.ptnr1_label_comp_id           GOL 
_struct_conn.ptnr1_label_seq_id            . 
_struct_conn.ptnr1_label_atom_id           O3 
_struct_conn.pdbx_ptnr1_label_alt_id       ? 
_struct_conn.pdbx_ptnr1_PDB_ins_code       ? 
_struct_conn.pdbx_ptnr1_standard_comp_id   ? 
_struct_conn.ptnr1_symmetry                1_555 
_struct_conn.ptnr2_label_asym_id           C 
_struct_conn.ptnr2_label_comp_id           GOL 
_struct_conn.ptnr2_label_seq_id            . 
_struct_conn.ptnr2_label_atom_id           O1 
_struct_conn.pdbx_ptnr2_label_alt_id       ? 
_struct_conn.pdbx_ptnr2_PDB_ins_code       ? 
_struct_conn.ptnr1_auth_asym_id            A 
_struct_conn.ptnr1_auth_comp_id            GOL 
_struct_conn.ptnr1_auth_seq_id             102 
_struct_conn.ptnr2_auth_asym_id            A 
_struct_conn.ptnr2_auth_comp_id            GOL 
_struct_conn.ptnr2_auth_seq_id             104 
_struct_conn.ptnr2_symmetry                1_555 
_struct_conn.pdbx_ptnr3_label_atom_id      ? 
_struct_conn.pdbx_ptnr3_label_seq_id       ? 
_struct_conn.pdbx_ptnr3_label_comp_id      ? 
_struct_conn.pdbx_ptnr3_label_asym_id      ? 
_struct_conn.pdbx_ptnr3_label_alt_id       ? 
_struct_conn.pdbx_ptnr3_PDB_ins_code       ? 
_struct_conn.details                       ? 
_struct_conn.pdbx_dist_value               1.968 
_struct_conn.pdbx_value_order              ? 
_struct_conn.pdbx_role                     ? 
# 
_struct_conn_type.id          covale 
_struct_conn_type.criteria    ? 
_struct_conn_type.reference   ? 
# 
_struct_mon_prot_cis.pdbx_id                1 
_struct_mon_prot_cis.label_comp_id          GLY 
_struct_mon_prot_cis.label_seq_id           1 
_struct_mon_prot_cis.label_asym_id          A 
_struct_mon_prot_cis.label_alt_id           . 
_struct_mon_prot_cis.pdbx_PDB_ins_code      ? 
_struct_mon_prot_cis.auth_comp_id           GLY 
_struct_mon_prot_cis.auth_seq_id            -1 
_struct_mon_prot_cis.auth_asym_id           A 
_struct_mon_prot_cis.pdbx_label_comp_id_2   HIS 
_struct_mon_prot_cis.pdbx_label_seq_id_2    2 
_struct_mon_prot_cis.pdbx_label_asym_id_2   A 
_struct_mon_prot_cis.pdbx_PDB_ins_code_2    ? 
_struct_mon_prot_cis.pdbx_auth_comp_id_2    HIS 
_struct_mon_prot_cis.pdbx_auth_seq_id_2     0 
_struct_mon_prot_cis.pdbx_auth_asym_id_2    A 
_struct_mon_prot_cis.pdbx_PDB_model_num     1 
_struct_mon_prot_cis.pdbx_omega_angle       -13.04 
# 
_struct_sheet.id               A 
_struct_sheet.type             ? 
_struct_sheet.number_strands   3 
_struct_sheet.details          ? 
# 
loop_
_struct_sheet_order.sheet_id 
_struct_sheet_order.range_id_1 
_struct_sheet_order.range_id_2 
_struct_sheet_order.offset 
_struct_sheet_order.sense 
A 1 2 ? anti-parallel 
A 2 3 ? anti-parallel 
# 
loop_
_struct_sheet_range.sheet_id 
_struct_sheet_range.id 
_struct_sheet_range.beg_label_comp_id 
_struct_sheet_range.beg_label_asym_id 
_struct_sheet_range.beg_label_seq_id 
_struct_sheet_range.pdbx_beg_PDB_ins_code 
_struct_sheet_range.end_label_comp_id 
_struct_sheet_range.end_label_asym_id 
_struct_sheet_range.end_label_seq_id 
_struct_sheet_range.pdbx_end_PDB_ins_code 
_struct_sheet_range.beg_auth_comp_id 
_struct_sheet_range.beg_auth_asym_id 
_struct_sheet_range.beg_auth_seq_id 
_struct_sheet_range.end_auth_comp_id 
_struct_sheet_range.end_auth_asym_id 
_struct_sheet_range.end_auth_seq_id 
A 1 MET A 3  ? LEU A 4  ? MET A 1  LEU A 2  
A 2 ALA A 52 ? PHE A 56 ? ALA A 50 PHE A 54 
A 3 CYS A 63 ? LEU A 67 ? CYS A 61 LEU A 65 
# 
loop_
_pdbx_struct_sheet_hbond.sheet_id 
_pdbx_struct_sheet_hbond.range_id_1 
_pdbx_struct_sheet_hbond.range_id_2 
_pdbx_struct_sheet_hbond.range_1_label_atom_id 
_pdbx_struct_sheet_hbond.range_1_label_comp_id 
_pdbx_struct_sheet_hbond.range_1_label_asym_id 
_pdbx_struct_sheet_hbond.range_1_label_seq_id 
_pdbx_struct_sheet_hbond.range_1_PDB_ins_code 
_pdbx_struct_sheet_hbond.range_1_auth_atom_id 
_pdbx_struct_sheet_hbond.range_1_auth_comp_id 
_pdbx_struct_sheet_hbond.range_1_auth_asym_id 
_pdbx_struct_sheet_hbond.range_1_auth_seq_id 
_pdbx_struct_sheet_hbond.range_2_label_atom_id 
_pdbx_struct_sheet_hbond.range_2_label_comp_id 
_pdbx_struct_sheet_hbond.range_2_label_asym_id 
_pdbx_struct_sheet_hbond.range_2_label_seq_id 
_pdbx_struct_sheet_hbond.range_2_PDB_ins_code 
_pdbx_struct_sheet_hbond.range_2_auth_atom_id 
_pdbx_struct_sheet_hbond.range_2_auth_comp_id 
_pdbx_struct_sheet_hbond.range_2_auth_asym_id 
_pdbx_struct_sheet_hbond.range_2_auth_seq_id 
A 1 2 N MET A 3  ? N MET A 1  O PHE A 56 ? O PHE A 54 
A 2 3 N VAL A 53 ? N VAL A 51 O MET A 66 ? O MET A 64 
# 
loop_
_struct_site.id 
_struct_site.pdbx_evidence_code 
_struct_site.pdbx_auth_asym_id 
_struct_site.pdbx_auth_comp_id 
_struct_site.pdbx_auth_seq_id 
_struct_site.pdbx_auth_ins_code 
_struct_site.pdbx_num_residues 
_struct_site.details 
AC1 Software A GOL 101 ? 6 'BINDING SITE FOR RESIDUE GOL A 101' 
AC2 Software A GOL 104 ? 6 'BINDING SITE FOR RESIDUE GOL A 104' 
AC3 Software A GOL 102 ? 8 'BINDING SITE FOR RESIDUE GOL A 102' 
AC4 Software A GOL 103 ? 7 'BINDING SITE FOR RESIDUE GOL A 103' 
# 
loop_
_struct_site_gen.id 
_struct_site_gen.site_id 
_struct_site_gen.pdbx_num_res 
_struct_site_gen.label_comp_id 
_struct_site_gen.label_asym_id 
_struct_site_gen.label_seq_id 
_struct_site_gen.pdbx_auth_ins_code 
_struct_site_gen.auth_comp_id 
_struct_site_gen.auth_asym_id 
_struct_site_gen.auth_seq_id 
_struct_site_gen.label_atom_id 
_struct_site_gen.label_alt_id 
_struct_site_gen.symmetry 
_struct_site_gen.details 
1  AC1 6 ILE A 5  ? ILE A 3   . ? 1_555  ? 
2  AC1 6 PRO A 6  ? PRO A 4   . ? 1_555  ? 
3  AC1 6 HIS A 7  ? HIS A 5   . ? 1_555  ? 
4  AC1 6 VAL A 53 ? VAL A 51  . ? 1_555  ? 
5  AC1 6 ILE A 54 ? ILE A 52  . ? 1_555  ? 
6  AC1 6 HOH F .  ? HOH A 109 . ? 1_555  ? 
7  AC2 6 GLU A 51 ? GLU A 49  . ? 1_555  ? 
8  AC2 6 SER A 69 ? SER A 67  . ? 7_555  ? 
9  AC2 6 GOL D .  ? GOL A 102 . ? 1_555  ? 
10 AC2 6 GOL D .  ? GOL A 102 . ? 7_555  ? 
11 AC2 6 HOH F .  ? HOH A 116 . ? 7_555  ? 
12 AC2 6 HOH F .  ? HOH A 118 . ? 1_555  ? 
13 AC3 8 GLU A 51 ? GLU A 49  . ? 7_555  ? 
14 AC3 8 ARG A 68 ? ARG A 66  . ? 1_555  ? 
15 AC3 8 ARG A 68 ? ARG A 66  . ? 7_555  ? 
16 AC3 8 SER A 69 ? SER A 67  . ? 1_555  ? 
17 AC3 8 SER A 69 ? SER A 67  . ? 7_555  ? 
18 AC3 8 GOL C .  ? GOL A 104 . ? 1_555  ? 
19 AC3 8 GOL C .  ? GOL A 104 . ? 7_555  ? 
20 AC3 8 HOH F .  ? HOH A 106 . ? 7_555  ? 
21 AC4 7 HIS A 45 ? HIS A 43  . ? 11_555 ? 
22 AC4 7 HIS A 45 ? HIS A 43  . ? 1_555  ? 
23 AC4 7 ARG A 49 ? ARG A 47  . ? 11_555 ? 
24 AC4 7 PRO A 72 ? PRO A 70  . ? 6_555  ? 
25 AC4 7 ALA A 73 ? ALA A 71  . ? 6_555  ? 
26 AC4 7 HOH F .  ? HOH A 131 . ? 1_555  ? 
27 AC4 7 HOH F .  ? HOH A 132 . ? 1_555  ? 
# 
_pdbx_entry_details.entry_id                   1Y0N 
_pdbx_entry_details.compound_details           ? 
_pdbx_entry_details.source_details             ? 
_pdbx_entry_details.nonpolymer_details         ? 
_pdbx_entry_details.sequence_details           ? 
_pdbx_entry_details.has_ligand_of_interest     ? 
_pdbx_entry_details.has_protein_modification   N 
# 
loop_
_pdbx_validate_close_contact.id 
_pdbx_validate_close_contact.PDB_model_num 
_pdbx_validate_close_contact.auth_atom_id_1 
_pdbx_validate_close_contact.auth_asym_id_1 
_pdbx_validate_close_contact.auth_comp_id_1 
_pdbx_validate_close_contact.auth_seq_id_1 
_pdbx_validate_close_contact.PDB_ins_code_1 
_pdbx_validate_close_contact.label_alt_id_1 
_pdbx_validate_close_contact.auth_atom_id_2 
_pdbx_validate_close_contact.auth_asym_id_2 
_pdbx_validate_close_contact.auth_comp_id_2 
_pdbx_validate_close_contact.auth_seq_id_2 
_pdbx_validate_close_contact.PDB_ins_code_2 
_pdbx_validate_close_contact.label_alt_id_2 
_pdbx_validate_close_contact.dist 
1 1 O  A ILE 3   ? ? O2 A GOL 101 ? ? 1.76 
2 1 O2 A GOL 103 ? ? O  A HOH 132 ? ? 1.96 
# 
loop_
_pdbx_validate_symm_contact.id 
_pdbx_validate_symm_contact.PDB_model_num 
_pdbx_validate_symm_contact.auth_atom_id_1 
_pdbx_validate_symm_contact.auth_asym_id_1 
_pdbx_validate_symm_contact.auth_comp_id_1 
_pdbx_validate_symm_contact.auth_seq_id_1 
_pdbx_validate_symm_contact.PDB_ins_code_1 
_pdbx_validate_symm_contact.label_alt_id_1 
_pdbx_validate_symm_contact.site_symmetry_1 
_pdbx_validate_symm_contact.auth_atom_id_2 
_pdbx_validate_symm_contact.auth_asym_id_2 
_pdbx_validate_symm_contact.auth_comp_id_2 
_pdbx_validate_symm_contact.auth_seq_id_2 
_pdbx_validate_symm_contact.PDB_ins_code_2 
_pdbx_validate_symm_contact.label_alt_id_2 
_pdbx_validate_symm_contact.site_symmetry_2 
_pdbx_validate_symm_contact.dist 
1  1 SD A MET 1   ? ? 1_555 CE  A MET 1   ? ? 10_444 0.56 
2  1 O1 A GOL 102 ? ? 1_555 C3  A GOL 102 ? ? 7_555  1.35 
3  1 C1 A GOL 102 ? ? 1_555 C2  A GOL 102 ? ? 7_555  1.49 
4  1 C1 A GOL 102 ? ? 1_555 C3  A GOL 102 ? ? 7_555  1.58 
5  1 SD A MET 1   ? ? 1_555 SD  A MET 1   ? ? 10_444 1.65 
6  1 C2 A GOL 102 ? ? 1_555 C3  A GOL 102 ? ? 7_555  1.70 
7  1 CE A MET 1   ? ? 1_555 CE  A MET 1   ? ? 10_444 1.76 
8  1 N  A GLY -1  ? ? 1_555 OD1 A ASP 35  ? ? 5_554  1.83 
9  1 C1 A GOL 102 ? ? 1_555 O3  A GOL 102 ? ? 7_555  1.89 
10 1 O1 A GOL 102 ? ? 1_555 O3  A GOL 102 ? ? 7_555  1.92 
11 1 O  A HOH 119 ? ? 1_555 O   A HOH 119 ? ? 10_444 2.13 
12 1 CG A MET 1   ? ? 1_555 CE  A MET 1   ? ? 10_444 2.15 
# 
loop_
_pdbx_validate_torsion.id 
_pdbx_validate_torsion.PDB_model_num 
_pdbx_validate_torsion.auth_comp_id 
_pdbx_validate_torsion.auth_asym_id 
_pdbx_validate_torsion.auth_seq_id 
_pdbx_validate_torsion.PDB_ins_code 
_pdbx_validate_torsion.label_alt_id 
_pdbx_validate_torsion.phi 
_pdbx_validate_torsion.psi 
1 1 HIS A 0  ? ? 81.90 109.97 
2 1 SER A 58 ? ? 86.18 -28.04 
3 1 GLN A 59 ? ? 50.84 18.02  
# 
_pdbx_SG_project.id                    1 
_pdbx_SG_project.project_name          'PSI, Protein Structure Initiative' 
_pdbx_SG_project.full_name_of_center   'Midwest Center for Structural Genomics' 
_pdbx_SG_project.initial_of_center     MCSG 
# 
loop_
_pdbx_struct_special_symmetry.id 
_pdbx_struct_special_symmetry.PDB_model_num 
_pdbx_struct_special_symmetry.auth_asym_id 
_pdbx_struct_special_symmetry.auth_comp_id 
_pdbx_struct_special_symmetry.auth_seq_id 
_pdbx_struct_special_symmetry.PDB_ins_code 
_pdbx_struct_special_symmetry.label_asym_id 
_pdbx_struct_special_symmetry.label_comp_id 
_pdbx_struct_special_symmetry.label_seq_id 
1 1 A GOL 102 ? D GOL . 
2 1 A GOL 102 ? D GOL . 
# 
loop_
_pdbx_unobs_or_zero_occ_residues.id 
_pdbx_unobs_or_zero_occ_residues.PDB_model_num 
_pdbx_unobs_or_zero_occ_residues.polymer_flag 
_pdbx_unobs_or_zero_occ_residues.occupancy_flag 
_pdbx_unobs_or_zero_occ_residues.auth_asym_id 
_pdbx_unobs_or_zero_occ_residues.auth_comp_id 
_pdbx_unobs_or_zero_occ_residues.auth_seq_id 
_pdbx_unobs_or_zero_occ_residues.PDB_ins_code 
_pdbx_unobs_or_zero_occ_residues.label_asym_id 
_pdbx_unobs_or_zero_occ_residues.label_comp_id 
_pdbx_unobs_or_zero_occ_residues.label_seq_id 
1 1 Y 1 A GLU 24 ? A GLU 26 
2 1 Y 1 A GLY 25 ? A GLY 27 
3 1 Y 1 A THR 26 ? A THR 28 
4 1 Y 1 A ASP 27 ? A ASP 29 
5 1 Y 1 A ASN 28 ? A ASN 30 
6 1 Y 1 A GLY 29 ? A GLY 31 
7 1 Y 1 A ASP 30 ? A ASP 32 
# 
loop_
_chem_comp_atom.comp_id 
_chem_comp_atom.atom_id 
_chem_comp_atom.type_symbol 
_chem_comp_atom.pdbx_aromatic_flag 
_chem_comp_atom.pdbx_stereo_config 
_chem_comp_atom.pdbx_ordinal 
ALA N    N N N 1   
ALA CA   C N S 2   
ALA C    C N N 3   
ALA O    O N N 4   
ALA CB   C N N 5   
ALA OXT  O N N 6   
ALA H    H N N 7   
ALA H2   H N N 8   
ALA HA   H N N 9   
ALA HB1  H N N 10  
ALA HB2  H N N 11  
ALA HB3  H N N 12  
ALA HXT  H N N 13  
ARG N    N N N 14  
ARG CA   C N S 15  
ARG C    C N N 16  
ARG O    O N N 17  
ARG CB   C N N 18  
ARG CG   C N N 19  
ARG CD   C N N 20  
ARG NE   N N N 21  
ARG CZ   C N N 22  
ARG NH1  N N N 23  
ARG NH2  N N N 24  
ARG OXT  O N N 25  
ARG H    H N N 26  
ARG H2   H N N 27  
ARG HA   H N N 28  
ARG HB2  H N N 29  
ARG HB3  H N N 30  
ARG HG2  H N N 31  
ARG HG3  H N N 32  
ARG HD2  H N N 33  
ARG HD3  H N N 34  
ARG HE   H N N 35  
ARG HH11 H N N 36  
ARG HH12 H N N 37  
ARG HH21 H N N 38  
ARG HH22 H N N 39  
ARG HXT  H N N 40  
ASN N    N N N 41  
ASN CA   C N S 42  
ASN C    C N N 43  
ASN O    O N N 44  
ASN CB   C N N 45  
ASN CG   C N N 46  
ASN OD1  O N N 47  
ASN ND2  N N N 48  
ASN OXT  O N N 49  
ASN H    H N N 50  
ASN H2   H N N 51  
ASN HA   H N N 52  
ASN HB2  H N N 53  
ASN HB3  H N N 54  
ASN HD21 H N N 55  
ASN HD22 H N N 56  
ASN HXT  H N N 57  
ASP N    N N N 58  
ASP CA   C N S 59  
ASP C    C N N 60  
ASP O    O N N 61  
ASP CB   C N N 62  
ASP CG   C N N 63  
ASP OD1  O N N 64  
ASP OD2  O N N 65  
ASP OXT  O N N 66  
ASP H    H N N 67  
ASP H2   H N N 68  
ASP HA   H N N 69  
ASP HB2  H N N 70  
ASP HB3  H N N 71  
ASP HD2  H N N 72  
ASP HXT  H N N 73  
CYS N    N N N 74  
CYS CA   C N R 75  
CYS C    C N N 76  
CYS O    O N N 77  
CYS CB   C N N 78  
CYS SG   S N N 79  
CYS OXT  O N N 80  
CYS H    H N N 81  
CYS H2   H N N 82  
CYS HA   H N N 83  
CYS HB2  H N N 84  
CYS HB3  H N N 85  
CYS HG   H N N 86  
CYS HXT  H N N 87  
GLN N    N N N 88  
GLN CA   C N S 89  
GLN C    C N N 90  
GLN O    O N N 91  
GLN CB   C N N 92  
GLN CG   C N N 93  
GLN CD   C N N 94  
GLN OE1  O N N 95  
GLN NE2  N N N 96  
GLN OXT  O N N 97  
GLN H    H N N 98  
GLN H2   H N N 99  
GLN HA   H N N 100 
GLN HB2  H N N 101 
GLN HB3  H N N 102 
GLN HG2  H N N 103 
GLN HG3  H N N 104 
GLN HE21 H N N 105 
GLN HE22 H N N 106 
GLN HXT  H N N 107 
GLU N    N N N 108 
GLU CA   C N S 109 
GLU C    C N N 110 
GLU O    O N N 111 
GLU CB   C N N 112 
GLU CG   C N N 113 
GLU CD   C N N 114 
GLU OE1  O N N 115 
GLU OE2  O N N 116 
GLU OXT  O N N 117 
GLU H    H N N 118 
GLU H2   H N N 119 
GLU HA   H N N 120 
GLU HB2  H N N 121 
GLU HB3  H N N 122 
GLU HG2  H N N 123 
GLU HG3  H N N 124 
GLU HE2  H N N 125 
GLU HXT  H N N 126 
GLY N    N N N 127 
GLY CA   C N N 128 
GLY C    C N N 129 
GLY O    O N N 130 
GLY OXT  O N N 131 
GLY H    H N N 132 
GLY H2   H N N 133 
GLY HA2  H N N 134 
GLY HA3  H N N 135 
GLY HXT  H N N 136 
GOL C1   C N N 137 
GOL O1   O N N 138 
GOL C2   C N N 139 
GOL O2   O N N 140 
GOL C3   C N N 141 
GOL O3   O N N 142 
GOL H11  H N N 143 
GOL H12  H N N 144 
GOL HO1  H N N 145 
GOL H2   H N N 146 
GOL HO2  H N N 147 
GOL H31  H N N 148 
GOL H32  H N N 149 
GOL HO3  H N N 150 
HIS N    N N N 151 
HIS CA   C N S 152 
HIS C    C N N 153 
HIS O    O N N 154 
HIS CB   C N N 155 
HIS CG   C Y N 156 
HIS ND1  N Y N 157 
HIS CD2  C Y N 158 
HIS CE1  C Y N 159 
HIS NE2  N Y N 160 
HIS OXT  O N N 161 
HIS H    H N N 162 
HIS H2   H N N 163 
HIS HA   H N N 164 
HIS HB2  H N N 165 
HIS HB3  H N N 166 
HIS HD1  H N N 167 
HIS HD2  H N N 168 
HIS HE1  H N N 169 
HIS HE2  H N N 170 
HIS HXT  H N N 171 
HOH O    O N N 172 
HOH H1   H N N 173 
HOH H2   H N N 174 
ILE N    N N N 175 
ILE CA   C N S 176 
ILE C    C N N 177 
ILE O    O N N 178 
ILE CB   C N S 179 
ILE CG1  C N N 180 
ILE CG2  C N N 181 
ILE CD1  C N N 182 
ILE OXT  O N N 183 
ILE H    H N N 184 
ILE H2   H N N 185 
ILE HA   H N N 186 
ILE HB   H N N 187 
ILE HG12 H N N 188 
ILE HG13 H N N 189 
ILE HG21 H N N 190 
ILE HG22 H N N 191 
ILE HG23 H N N 192 
ILE HD11 H N N 193 
ILE HD12 H N N 194 
ILE HD13 H N N 195 
ILE HXT  H N N 196 
LEU N    N N N 197 
LEU CA   C N S 198 
LEU C    C N N 199 
LEU O    O N N 200 
LEU CB   C N N 201 
LEU CG   C N N 202 
LEU CD1  C N N 203 
LEU CD2  C N N 204 
LEU OXT  O N N 205 
LEU H    H N N 206 
LEU H2   H N N 207 
LEU HA   H N N 208 
LEU HB2  H N N 209 
LEU HB3  H N N 210 
LEU HG   H N N 211 
LEU HD11 H N N 212 
LEU HD12 H N N 213 
LEU HD13 H N N 214 
LEU HD21 H N N 215 
LEU HD22 H N N 216 
LEU HD23 H N N 217 
LEU HXT  H N N 218 
MET N    N N N 219 
MET CA   C N S 220 
MET C    C N N 221 
MET O    O N N 222 
MET CB   C N N 223 
MET CG   C N N 224 
MET SD   S N N 225 
MET CE   C N N 226 
MET OXT  O N N 227 
MET H    H N N 228 
MET H2   H N N 229 
MET HA   H N N 230 
MET HB2  H N N 231 
MET HB3  H N N 232 
MET HG2  H N N 233 
MET HG3  H N N 234 
MET HE1  H N N 235 
MET HE2  H N N 236 
MET HE3  H N N 237 
MET HXT  H N N 238 
PHE N    N N N 239 
PHE CA   C N S 240 
PHE C    C N N 241 
PHE O    O N N 242 
PHE CB   C N N 243 
PHE CG   C Y N 244 
PHE CD1  C Y N 245 
PHE CD2  C Y N 246 
PHE CE1  C Y N 247 
PHE CE2  C Y N 248 
PHE CZ   C Y N 249 
PHE OXT  O N N 250 
PHE H    H N N 251 
PHE H2   H N N 252 
PHE HA   H N N 253 
PHE HB2  H N N 254 
PHE HB3  H N N 255 
PHE HD1  H N N 256 
PHE HD2  H N N 257 
PHE HE1  H N N 258 
PHE HE2  H N N 259 
PHE HZ   H N N 260 
PHE HXT  H N N 261 
PRO N    N N N 262 
PRO CA   C N S 263 
PRO C    C N N 264 
PRO O    O N N 265 
PRO CB   C N N 266 
PRO CG   C N N 267 
PRO CD   C N N 268 
PRO OXT  O N N 269 
PRO H    H N N 270 
PRO HA   H N N 271 
PRO HB2  H N N 272 
PRO HB3  H N N 273 
PRO HG2  H N N 274 
PRO HG3  H N N 275 
PRO HD2  H N N 276 
PRO HD3  H N N 277 
PRO HXT  H N N 278 
SER N    N N N 279 
SER CA   C N S 280 
SER C    C N N 281 
SER O    O N N 282 
SER CB   C N N 283 
SER OG   O N N 284 
SER OXT  O N N 285 
SER H    H N N 286 
SER H2   H N N 287 
SER HA   H N N 288 
SER HB2  H N N 289 
SER HB3  H N N 290 
SER HG   H N N 291 
SER HXT  H N N 292 
THR N    N N N 293 
THR CA   C N S 294 
THR C    C N N 295 
THR O    O N N 296 
THR CB   C N R 297 
THR OG1  O N N 298 
THR CG2  C N N 299 
THR OXT  O N N 300 
THR H    H N N 301 
THR H2   H N N 302 
THR HA   H N N 303 
THR HB   H N N 304 
THR HG1  H N N 305 
THR HG21 H N N 306 
THR HG22 H N N 307 
THR HG23 H N N 308 
THR HXT  H N N 309 
VAL N    N N N 310 
VAL CA   C N S 311 
VAL C    C N N 312 
VAL O    O N N 313 
VAL CB   C N N 314 
VAL CG1  C N N 315 
VAL CG2  C N N 316 
VAL OXT  O N N 317 
VAL H    H N N 318 
VAL H2   H N N 319 
VAL HA   H N N 320 
VAL HB   H N N 321 
VAL HG11 H N N 322 
VAL HG12 H N N 323 
VAL HG13 H N N 324 
VAL HG21 H N N 325 
VAL HG22 H N N 326 
VAL HG23 H N N 327 
VAL HXT  H N N 328 
# 
loop_
_chem_comp_bond.comp_id 
_chem_comp_bond.atom_id_1 
_chem_comp_bond.atom_id_2 
_chem_comp_bond.value_order 
_chem_comp_bond.pdbx_aromatic_flag 
_chem_comp_bond.pdbx_stereo_config 
_chem_comp_bond.pdbx_ordinal 
ALA N   CA   sing N N 1   
ALA N   H    sing N N 2   
ALA N   H2   sing N N 3   
ALA CA  C    sing N N 4   
ALA CA  CB   sing N N 5   
ALA CA  HA   sing N N 6   
ALA C   O    doub N N 7   
ALA C   OXT  sing N N 8   
ALA CB  HB1  sing N N 9   
ALA CB  HB2  sing N N 10  
ALA CB  HB3  sing N N 11  
ALA OXT HXT  sing N N 12  
ARG N   CA   sing N N 13  
ARG N   H    sing N N 14  
ARG N   H2   sing N N 15  
ARG CA  C    sing N N 16  
ARG CA  CB   sing N N 17  
ARG CA  HA   sing N N 18  
ARG C   O    doub N N 19  
ARG C   OXT  sing N N 20  
ARG CB  CG   sing N N 21  
ARG CB  HB2  sing N N 22  
ARG CB  HB3  sing N N 23  
ARG CG  CD   sing N N 24  
ARG CG  HG2  sing N N 25  
ARG CG  HG3  sing N N 26  
ARG CD  NE   sing N N 27  
ARG CD  HD2  sing N N 28  
ARG CD  HD3  sing N N 29  
ARG NE  CZ   sing N N 30  
ARG NE  HE   sing N N 31  
ARG CZ  NH1  sing N N 32  
ARG CZ  NH2  doub N N 33  
ARG NH1 HH11 sing N N 34  
ARG NH1 HH12 sing N N 35  
ARG NH2 HH21 sing N N 36  
ARG NH2 HH22 sing N N 37  
ARG OXT HXT  sing N N 38  
ASN N   CA   sing N N 39  
ASN N   H    sing N N 40  
ASN N   H2   sing N N 41  
ASN CA  C    sing N N 42  
ASN CA  CB   sing N N 43  
ASN CA  HA   sing N N 44  
ASN C   O    doub N N 45  
ASN C   OXT  sing N N 46  
ASN CB  CG   sing N N 47  
ASN CB  HB2  sing N N 48  
ASN CB  HB3  sing N N 49  
ASN CG  OD1  doub N N 50  
ASN CG  ND2  sing N N 51  
ASN ND2 HD21 sing N N 52  
ASN ND2 HD22 sing N N 53  
ASN OXT HXT  sing N N 54  
ASP N   CA   sing N N 55  
ASP N   H    sing N N 56  
ASP N   H2   sing N N 57  
ASP CA  C    sing N N 58  
ASP CA  CB   sing N N 59  
ASP CA  HA   sing N N 60  
ASP C   O    doub N N 61  
ASP C   OXT  sing N N 62  
ASP CB  CG   sing N N 63  
ASP CB  HB2  sing N N 64  
ASP CB  HB3  sing N N 65  
ASP CG  OD1  doub N N 66  
ASP CG  OD2  sing N N 67  
ASP OD2 HD2  sing N N 68  
ASP OXT HXT  sing N N 69  
CYS N   CA   sing N N 70  
CYS N   H    sing N N 71  
CYS N   H2   sing N N 72  
CYS CA  C    sing N N 73  
CYS CA  CB   sing N N 74  
CYS CA  HA   sing N N 75  
CYS C   O    doub N N 76  
CYS C   OXT  sing N N 77  
CYS CB  SG   sing N N 78  
CYS CB  HB2  sing N N 79  
CYS CB  HB3  sing N N 80  
CYS SG  HG   sing N N 81  
CYS OXT HXT  sing N N 82  
GLN N   CA   sing N N 83  
GLN N   H    sing N N 84  
GLN N   H2   sing N N 85  
GLN CA  C    sing N N 86  
GLN CA  CB   sing N N 87  
GLN CA  HA   sing N N 88  
GLN C   O    doub N N 89  
GLN C   OXT  sing N N 90  
GLN CB  CG   sing N N 91  
GLN CB  HB2  sing N N 92  
GLN CB  HB3  sing N N 93  
GLN CG  CD   sing N N 94  
GLN CG  HG2  sing N N 95  
GLN CG  HG3  sing N N 96  
GLN CD  OE1  doub N N 97  
GLN CD  NE2  sing N N 98  
GLN NE2 HE21 sing N N 99  
GLN NE2 HE22 sing N N 100 
GLN OXT HXT  sing N N 101 
GLU N   CA   sing N N 102 
GLU N   H    sing N N 103 
GLU N   H2   sing N N 104 
GLU CA  C    sing N N 105 
GLU CA  CB   sing N N 106 
GLU CA  HA   sing N N 107 
GLU C   O    doub N N 108 
GLU C   OXT  sing N N 109 
GLU CB  CG   sing N N 110 
GLU CB  HB2  sing N N 111 
GLU CB  HB3  sing N N 112 
GLU CG  CD   sing N N 113 
GLU CG  HG2  sing N N 114 
GLU CG  HG3  sing N N 115 
GLU CD  OE1  doub N N 116 
GLU CD  OE2  sing N N 117 
GLU OE2 HE2  sing N N 118 
GLU OXT HXT  sing N N 119 
GLY N   CA   sing N N 120 
GLY N   H    sing N N 121 
GLY N   H2   sing N N 122 
GLY CA  C    sing N N 123 
GLY CA  HA2  sing N N 124 
GLY CA  HA3  sing N N 125 
GLY C   O    doub N N 126 
GLY C   OXT  sing N N 127 
GLY OXT HXT  sing N N 128 
GOL C1  O1   sing N N 129 
GOL C1  C2   sing N N 130 
GOL C1  H11  sing N N 131 
GOL C1  H12  sing N N 132 
GOL O1  HO1  sing N N 133 
GOL C2  O2   sing N N 134 
GOL C2  C3   sing N N 135 
GOL C2  H2   sing N N 136 
GOL O2  HO2  sing N N 137 
GOL C3  O3   sing N N 138 
GOL C3  H31  sing N N 139 
GOL C3  H32  sing N N 140 
GOL O3  HO3  sing N N 141 
HIS N   CA   sing N N 142 
HIS N   H    sing N N 143 
HIS N   H2   sing N N 144 
HIS CA  C    sing N N 145 
HIS CA  CB   sing N N 146 
HIS CA  HA   sing N N 147 
HIS C   O    doub N N 148 
HIS C   OXT  sing N N 149 
HIS CB  CG   sing N N 150 
HIS CB  HB2  sing N N 151 
HIS CB  HB3  sing N N 152 
HIS CG  ND1  sing Y N 153 
HIS CG  CD2  doub Y N 154 
HIS ND1 CE1  doub Y N 155 
HIS ND1 HD1  sing N N 156 
HIS CD2 NE2  sing Y N 157 
HIS CD2 HD2  sing N N 158 
HIS CE1 NE2  sing Y N 159 
HIS CE1 HE1  sing N N 160 
HIS NE2 HE2  sing N N 161 
HIS OXT HXT  sing N N 162 
HOH O   H1   sing N N 163 
HOH O   H2   sing N N 164 
ILE N   CA   sing N N 165 
ILE N   H    sing N N 166 
ILE N   H2   sing N N 167 
ILE CA  C    sing N N 168 
ILE CA  CB   sing N N 169 
ILE CA  HA   sing N N 170 
ILE C   O    doub N N 171 
ILE C   OXT  sing N N 172 
ILE CB  CG1  sing N N 173 
ILE CB  CG2  sing N N 174 
ILE CB  HB   sing N N 175 
ILE CG1 CD1  sing N N 176 
ILE CG1 HG12 sing N N 177 
ILE CG1 HG13 sing N N 178 
ILE CG2 HG21 sing N N 179 
ILE CG2 HG22 sing N N 180 
ILE CG2 HG23 sing N N 181 
ILE CD1 HD11 sing N N 182 
ILE CD1 HD12 sing N N 183 
ILE CD1 HD13 sing N N 184 
ILE OXT HXT  sing N N 185 
LEU N   CA   sing N N 186 
LEU N   H    sing N N 187 
LEU N   H2   sing N N 188 
LEU CA  C    sing N N 189 
LEU CA  CB   sing N N 190 
LEU CA  HA   sing N N 191 
LEU C   O    doub N N 192 
LEU C   OXT  sing N N 193 
LEU CB  CG   sing N N 194 
LEU CB  HB2  sing N N 195 
LEU CB  HB3  sing N N 196 
LEU CG  CD1  sing N N 197 
LEU CG  CD2  sing N N 198 
LEU CG  HG   sing N N 199 
LEU CD1 HD11 sing N N 200 
LEU CD1 HD12 sing N N 201 
LEU CD1 HD13 sing N N 202 
LEU CD2 HD21 sing N N 203 
LEU CD2 HD22 sing N N 204 
LEU CD2 HD23 sing N N 205 
LEU OXT HXT  sing N N 206 
MET N   CA   sing N N 207 
MET N   H    sing N N 208 
MET N   H2   sing N N 209 
MET CA  C    sing N N 210 
MET CA  CB   sing N N 211 
MET CA  HA   sing N N 212 
MET C   O    doub N N 213 
MET C   OXT  sing N N 214 
MET CB  CG   sing N N 215 
MET CB  HB2  sing N N 216 
MET CB  HB3  sing N N 217 
MET CG  SD   sing N N 218 
MET CG  HG2  sing N N 219 
MET CG  HG3  sing N N 220 
MET SD  CE   sing N N 221 
MET CE  HE1  sing N N 222 
MET CE  HE2  sing N N 223 
MET CE  HE3  sing N N 224 
MET OXT HXT  sing N N 225 
PHE N   CA   sing N N 226 
PHE N   H    sing N N 227 
PHE N   H2   sing N N 228 
PHE CA  C    sing N N 229 
PHE CA  CB   sing N N 230 
PHE CA  HA   sing N N 231 
PHE C   O    doub N N 232 
PHE C   OXT  sing N N 233 
PHE CB  CG   sing N N 234 
PHE CB  HB2  sing N N 235 
PHE CB  HB3  sing N N 236 
PHE CG  CD1  doub Y N 237 
PHE CG  CD2  sing Y N 238 
PHE CD1 CE1  sing Y N 239 
PHE CD1 HD1  sing N N 240 
PHE CD2 CE2  doub Y N 241 
PHE CD2 HD2  sing N N 242 
PHE CE1 CZ   doub Y N 243 
PHE CE1 HE1  sing N N 244 
PHE CE2 CZ   sing Y N 245 
PHE CE2 HE2  sing N N 246 
PHE CZ  HZ   sing N N 247 
PHE OXT HXT  sing N N 248 
PRO N   CA   sing N N 249 
PRO N   CD   sing N N 250 
PRO N   H    sing N N 251 
PRO CA  C    sing N N 252 
PRO CA  CB   sing N N 253 
PRO CA  HA   sing N N 254 
PRO C   O    doub N N 255 
PRO C   OXT  sing N N 256 
PRO CB  CG   sing N N 257 
PRO CB  HB2  sing N N 258 
PRO CB  HB3  sing N N 259 
PRO CG  CD   sing N N 260 
PRO CG  HG2  sing N N 261 
PRO CG  HG3  sing N N 262 
PRO CD  HD2  sing N N 263 
PRO CD  HD3  sing N N 264 
PRO OXT HXT  sing N N 265 
SER N   CA   sing N N 266 
SER N   H    sing N N 267 
SER N   H2   sing N N 268 
SER CA  C    sing N N 269 
SER CA  CB   sing N N 270 
SER CA  HA   sing N N 271 
SER C   O    doub N N 272 
SER C   OXT  sing N N 273 
SER CB  OG   sing N N 274 
SER CB  HB2  sing N N 275 
SER CB  HB3  sing N N 276 
SER OG  HG   sing N N 277 
SER OXT HXT  sing N N 278 
THR N   CA   sing N N 279 
THR N   H    sing N N 280 
THR N   H2   sing N N 281 
THR CA  C    sing N N 282 
THR CA  CB   sing N N 283 
THR CA  HA   sing N N 284 
THR C   O    doub N N 285 
THR C   OXT  sing N N 286 
THR CB  OG1  sing N N 287 
THR CB  CG2  sing N N 288 
THR CB  HB   sing N N 289 
THR OG1 HG1  sing N N 290 
THR CG2 HG21 sing N N 291 
THR CG2 HG22 sing N N 292 
THR CG2 HG23 sing N N 293 
THR OXT HXT  sing N N 294 
VAL N   CA   sing N N 295 
VAL N   H    sing N N 296 
VAL N   H2   sing N N 297 
VAL CA  C    sing N N 298 
VAL CA  CB   sing N N 299 
VAL CA  HA   sing N N 300 
VAL C   O    doub N N 301 
VAL C   OXT  sing N N 302 
VAL CB  CG1  sing N N 303 
VAL CB  CG2  sing N N 304 
VAL CB  HB   sing N N 305 
VAL CG1 HG11 sing N N 306 
VAL CG1 HG12 sing N N 307 
VAL CG1 HG13 sing N N 308 
VAL CG2 HG21 sing N N 309 
VAL CG2 HG22 sing N N 310 
VAL CG2 HG23 sing N N 311 
VAL OXT HXT  sing N N 312 
# 
_atom_sites.entry_id                    1Y0N 
_atom_sites.fract_transf_matrix[1][1]   -0.00123117 
_atom_sites.fract_transf_matrix[1][2]   0.00985093 
_atom_sites.fract_transf_matrix[1][3]   0.01090309 
_atom_sites.fract_transf_matrix[2][1]   0.00269961 
_atom_sites.fract_transf_matrix[2][2]   0.01425933 
_atom_sites.fract_transf_matrix[2][3]   -0.00260744 
_atom_sites.fract_transf_matrix[3][1]   -0.01832214 
_atom_sites.fract_transf_matrix[3][2]   0.00265228 
_atom_sites.fract_transf_matrix[3][3]   -0.00446526 
_atom_sites.fract_transf_vector[1]      -0.310751 
_atom_sites.fract_transf_vector[2]      -0.396969 
_atom_sites.fract_transf_vector[3]      -0.037781 
# 
loop_
_atom_type.symbol 
C 
N 
O 
S 
# 
loop_
_atom_site.group_PDB 
_atom_site.id 
_atom_site.type_symbol 
_atom_site.label_atom_id 
_atom_site.label_alt_id 
_atom_site.label_comp_id 
_atom_site.label_asym_id 
_atom_site.label_entity_id 
_atom_site.label_seq_id 
_atom_site.pdbx_PDB_ins_code 
_atom_site.Cartn_x 
_atom_site.Cartn_y 
_atom_site.Cartn_z 
_atom_site.occupancy 
_atom_site.B_iso_or_equiv 
_atom_site.pdbx_formal_charge 
_atom_site.auth_seq_id 
_atom_site.auth_comp_id 
_atom_site.auth_asym_id 
_atom_site.auth_atom_id 
_atom_site.pdbx_PDB_model_num 
ATOM   1   N N   . GLY A 1 1  ? 8.123   0.347   -12.117 1.00 63.03 ? -1  GLY A N   1 
ATOM   2   C CA  . GLY A 1 1  ? 7.650   -1.066  -12.343 1.00 63.28 ? -1  GLY A CA  1 
ATOM   3   C C   . GLY A 1 1  ? 8.556   -2.162  -11.797 1.00 62.23 ? -1  GLY A C   1 
ATOM   4   O O   . GLY A 1 1  ? 9.674   -2.384  -12.334 1.00 63.49 ? -1  GLY A O   1 
ATOM   5   N N   . HIS A 1 2  ? 8.096   -2.880  -10.782 1.00 59.98 ? 0   HIS A N   1 
ATOM   6   C CA  . HIS A 1 2  ? 6.925   -2.516  -9.999  1.00 57.22 ? 0   HIS A CA  1 
ATOM   7   C C   . HIS A 1 2  ? 5.589   -2.895  -10.613 1.00 56.53 ? 0   HIS A C   1 
ATOM   8   O O   . HIS A 1 2  ? 5.179   -2.335  -11.621 1.00 56.09 ? 0   HIS A O   1 
ATOM   9   C CB  . HIS A 1 2  ? 6.962   -1.068  -9.557  1.00 56.50 ? 0   HIS A CB  1 
ATOM   10  C CG  . HIS A 1 2  ? 7.896   -0.812  -8.418  1.00 53.97 ? 0   HIS A CG  1 
ATOM   11  N ND1 . HIS A 1 2  ? 7.552   -1.037  -7.107  1.00 53.77 ? 0   HIS A ND1 1 
ATOM   12  C CD2 . HIS A 1 2  ? 9.165   -0.348  -8.396  1.00 53.45 ? 0   HIS A CD2 1 
ATOM   13  C CE1 . HIS A 1 2  ? 8.566   -0.724  -6.326  1.00 52.53 ? 0   HIS A CE1 1 
ATOM   14  N NE2 . HIS A 1 2  ? 9.557   -0.302  -7.084  1.00 51.48 ? 0   HIS A NE2 1 
ATOM   15  N N   . MET A 1 3  ? 4.936   -3.874  -9.992  1.00 54.69 ? 1   MET A N   1 
ATOM   16  C CA  . MET A 1 3  ? 3.580   -4.291  -10.339 1.00 53.81 ? 1   MET A CA  1 
ATOM   17  C C   . MET A 1 3  ? 2.645   -4.083  -9.144  1.00 50.76 ? 1   MET A C   1 
ATOM   18  O O   . MET A 1 3  ? 3.083   -4.039  -8.005  1.00 49.42 ? 1   MET A O   1 
ATOM   19  C CB  . MET A 1 3  ? 3.567   -5.767  -10.756 1.00 53.22 ? 1   MET A CB  1 
ATOM   20  C CG  . MET A 1 3  ? 3.304   -6.752  -9.608  1.00 55.23 ? 1   MET A CG  1 
ATOM   21  S SD  . MET A 1 3  ? 4.157   -8.356  -9.667  1.00 59.50 ? 1   MET A SD  1 
ATOM   22  C CE  . MET A 1 3  ? 2.789   -9.449  -9.877  1.00 56.97 ? 1   MET A CE  1 
ATOM   23  N N   . LEU A 1 4  ? 1.355   -3.970  -9.421  1.00 49.14 ? 2   LEU A N   1 
ATOM   24  C CA  . LEU A 1 4  ? 0.343   -3.942  -8.382  1.00 48.26 ? 2   LEU A CA  1 
ATOM   25  C C   . LEU A 1 4  ? 0.012   -5.328  -7.861  1.00 48.83 ? 2   LEU A C   1 
ATOM   26  O O   . LEU A 1 4  ? -0.135  -6.260  -8.632  1.00 49.25 ? 2   LEU A O   1 
ATOM   27  C CB  . LEU A 1 4  ? -0.926  -3.294  -8.903  1.00 47.52 ? 2   LEU A CB  1 
ATOM   28  C CG  . LEU A 1 4  ? -0.893  -1.814  -9.255  1.00 45.69 ? 2   LEU A CG  1 
ATOM   29  C CD1 . LEU A 1 4  ? -2.238  -1.405  -9.747  1.00 45.49 ? 2   LEU A CD1 1 
ATOM   30  C CD2 . LEU A 1 4  ? -0.490  -0.972  -8.094  1.00 44.66 ? 2   LEU A CD2 1 
ATOM   31  N N   . ILE A 1 5  ? -0.125  -5.445  -6.547  1.00 47.56 ? 3   ILE A N   1 
ATOM   32  C CA  . ILE A 1 5  ? -0.600  -6.660  -5.904  1.00 47.09 ? 3   ILE A CA  1 
ATOM   33  C C   . ILE A 1 5  ? -1.767  -6.371  -4.925  1.00 46.09 ? 3   ILE A C   1 
ATOM   34  O O   . ILE A 1 5  ? -1.658  -5.472  -4.055  1.00 45.54 ? 3   ILE A O   1 
ATOM   35  C CB  . ILE A 1 5  ? 0.524   -7.472  -5.205  1.00 47.27 ? 3   ILE A CB  1 
ATOM   36  C CG1 . ILE A 1 5  ? 1.268   -6.669  -4.158  1.00 47.90 ? 3   ILE A CG1 1 
ATOM   37  C CG2 . ILE A 1 5  ? 1.545   -7.968  -6.215  1.00 49.44 ? 3   ILE A CG2 1 
ATOM   38  C CD1 . ILE A 1 5  ? 2.456   -7.455  -3.589  1.00 50.75 ? 3   ILE A CD1 1 
ATOM   39  N N   . PRO A 1 6  ? -2.891  -7.090  -5.078  1.00 43.63 ? 4   PRO A N   1 
ATOM   40  C CA  . PRO A 1 6  ? -4.025  -6.781  -4.207  1.00 42.97 ? 4   PRO A CA  1 
ATOM   41  C C   . PRO A 1 6  ? -3.661  -7.009  -2.733  1.00 42.30 ? 4   PRO A C   1 
ATOM   42  O O   . PRO A 1 6  ? -3.039  -8.011  -2.410  1.00 40.79 ? 4   PRO A O   1 
ATOM   43  C CB  . PRO A 1 6  ? -5.132  -7.738  -4.700  1.00 42.63 ? 4   PRO A CB  1 
ATOM   44  C CG  . PRO A 1 6  ? -4.435  -8.792  -5.447  1.00 42.99 ? 4   PRO A CG  1 
ATOM   45  C CD  . PRO A 1 6  ? -3.205  -8.154  -6.035  1.00 43.45 ? 4   PRO A CD  1 
ATOM   46  N N   . HIS A 1 7  ? -4.083  -6.093  -1.856  1.00 41.45 ? 5   HIS A N   1 
ATOM   47  C CA  . HIS A 1 7  ? -3.773  -6.162  -0.416  1.00 42.10 ? 5   HIS A CA  1 
ATOM   48  C C   . HIS A 1 7  ? -4.192  -7.483  0.255   1.00 42.41 ? 5   HIS A C   1 
ATOM   49  O O   . HIS A 1 7  ? -3.498  -7.976  1.153   1.00 39.32 ? 5   HIS A O   1 
ATOM   50  C CB  . HIS A 1 7  ? -4.380  -4.948  0.342   1.00 43.39 ? 5   HIS A CB  1 
ATOM   51  C CG  . HIS A 1 7  ? -5.891  -4.886  0.283   1.00 42.31 ? 5   HIS A CG  1 
ATOM   52  N ND1 . HIS A 1 7  ? -6.573  -4.316  -0.771  1.00 45.58 ? 5   HIS A ND1 1 
ATOM   53  C CD2 . HIS A 1 7  ? -6.836  -5.359  1.124   1.00 44.02 ? 5   HIS A CD2 1 
ATOM   54  C CE1 . HIS A 1 7  ? -7.877  -4.430  -0.570  1.00 43.08 ? 5   HIS A CE1 1 
ATOM   55  N NE2 . HIS A 1 7  ? -8.063  -5.061  0.573   1.00 43.63 ? 5   HIS A NE2 1 
ATOM   56  N N   . ASP A 1 8  ? -5.314  -8.040  -0.216  1.00 43.36 ? 6   ASP A N   1 
ATOM   57  C CA  . ASP A 1 8  ? -5.899  -9.279  0.330   1.00 45.94 ? 6   ASP A CA  1 
ATOM   58  C C   . ASP A 1 8  ? -5.114  -10.534 -0.068  1.00 46.24 ? 6   ASP A C   1 
ATOM   59  O O   . ASP A 1 8  ? -5.341  -11.612 0.465   1.00 46.78 ? 6   ASP A O   1 
ATOM   60  C CB  . ASP A 1 8  ? -7.372  -9.417  -0.065  1.00 47.06 ? 6   ASP A CB  1 
ATOM   61  C CG  . ASP A 1 8  ? -7.630  -9.121  -1.527  1.00 51.27 ? 6   ASP A CG  1 
ATOM   62  O OD1 . ASP A 1 8  ? -7.654  -7.918  -1.931  1.00 59.99 ? 6   ASP A OD1 1 
ATOM   63  O OD2 . ASP A 1 8  ? -7.859  -10.091 -2.274  1.00 56.53 ? 6   ASP A OD2 1 
ATOM   64  N N   . LEU A 1 9  ? -4.148  -10.357 -0.961  1.00 45.81 ? 7   LEU A N   1 
ATOM   65  C CA  . LEU A 1 9  ? -3.244  -11.440 -1.329  1.00 46.97 ? 7   LEU A CA  1 
ATOM   66  C C   . LEU A 1 9  ? -2.061  -11.460 -0.348  1.00 46.61 ? 7   LEU A C   1 
ATOM   67  O O   . LEU A 1 9  ? -1.334  -12.443 -0.298  1.00 48.50 ? 7   LEU A O   1 
ATOM   68  C CB  . LEU A 1 9  ? -2.773  -11.241 -2.775  1.00 46.34 ? 7   LEU A CB  1 
ATOM   69  C CG  . LEU A 1 9  ? -2.005  -12.352 -3.496  1.00 48.83 ? 7   LEU A CG  1 
ATOM   70  C CD1 . LEU A 1 9  ? -2.956  -13.535 -3.735  1.00 50.17 ? 7   LEU A CD1 1 
ATOM   71  C CD2 . LEU A 1 9  ? -1.410  -11.826 -4.801  1.00 47.40 ? 7   LEU A CD2 1 
ATOM   72  N N   . LEU A 1 10 ? -1.899  -10.404 0.457   1.00 45.43 ? 8   LEU A N   1 
ATOM   73  C CA  . LEU A 1 10 ? -0.708  -10.248 1.299   1.00 45.29 ? 8   LEU A CA  1 
ATOM   74  C C   . LEU A 1 10 ? -0.750  -10.972 2.625   1.00 45.81 ? 8   LEU A C   1 
ATOM   75  O O   . LEU A 1 10 ? -1.778  -11.097 3.290   1.00 45.32 ? 8   LEU A O   1 
ATOM   76  C CB  . LEU A 1 10 ? -0.302  -8.791  1.543   1.00 44.61 ? 8   LEU A CB  1 
ATOM   77  C CG  . LEU A 1 10 ? 0.380   -8.030  0.417   1.00 44.54 ? 8   LEU A CG  1 
ATOM   78  C CD1 . LEU A 1 10 ? 0.727   -6.666  0.898   1.00 43.09 ? 8   LEU A CD1 1 
ATOM   79  C CD2 . LEU A 1 10 ? 1.621   -8.715  -0.158  1.00 41.22 ? 8   LEU A CD2 1 
ATOM   80  N N   . GLU A 1 11 ? 0.424   -11.451 2.973   1.00 47.15 ? 9   GLU A N   1 
ATOM   81  C CA  . GLU A 1 11 ? 0.698   -12.037 4.279   1.00 48.34 ? 9   GLU A CA  1 
ATOM   82  C C   . GLU A 1 11 ? 0.357   -10.959 5.338   1.00 48.47 ? 9   GLU A C   1 
ATOM   83  O O   . GLU A 1 11 ? 0.780   -9.802  5.204   1.00 48.29 ? 9   GLU A O   1 
ATOM   84  C CB  . GLU A 1 11 ? 2.188   -12.435 4.253   1.00 48.19 ? 9   GLU A CB  1 
ATOM   85  C CG  . GLU A 1 11 ? 2.630   -13.361 5.352   1.00 51.56 ? 9   GLU A CG  1 
ATOM   86  C CD  . GLU A 1 11 ? 2.951   -12.593 6.601   1.00 52.85 ? 9   GLU A CD  1 
ATOM   87  O OE1 . GLU A 1 11 ? 3.830   -11.711 6.525   1.00 52.13 ? 9   GLU A OE1 1 
ATOM   88  O OE2 . GLU A 1 11 ? 2.307   -12.851 7.629   1.00 53.60 ? 9   GLU A OE2 1 
ATOM   89  N N   . ALA A 1 12 ? -0.422  -11.301 6.367   1.00 48.09 ? 10  ALA A N   1 
ATOM   90  C CA  . ALA A 1 12 ? -0.980  -10.253 7.254   1.00 47.98 ? 10  ALA A CA  1 
ATOM   91  C C   . ALA A 1 12 ? 0.046   -9.345  7.935   1.00 48.27 ? 10  ALA A C   1 
ATOM   92  O O   . ALA A 1 12 ? -0.157  -8.120  8.034   1.00 47.46 ? 10  ALA A O   1 
ATOM   93  C CB  . ALA A 1 12 ? -1.978  -10.855 8.279   1.00 48.71 ? 10  ALA A CB  1 
ATOM   94  N N   . ASP A 1 13 ? 1.173   -9.916  8.359   1.00 48.28 ? 11  ASP A N   1 
ATOM   95  C CA  . ASP A 1 13 ? 2.220   -9.125  9.008   1.00 48.93 ? 11  ASP A CA  1 
ATOM   96  C C   . ASP A 1 13 ? 2.975   -8.226  8.065   1.00 46.66 ? 11  ASP A C   1 
ATOM   97  O O   . ASP A 1 13 ? 3.352   -7.130  8.455   1.00 45.95 ? 11  ASP A O   1 
ATOM   98  C CB  . ASP A 1 13 ? 3.255   -9.994  9.758   1.00 50.51 ? 11  ASP A CB  1 
ATOM   99  C CG  . ASP A 1 13 ? 2.712   -10.554 11.081  1.00 55.10 ? 11  ASP A CG  1 
ATOM   100 O OD1 . ASP A 1 13 ? 1.605   -10.146 11.536  1.00 59.22 ? 11  ASP A OD1 1 
ATOM   101 O OD2 . ASP A 1 13 ? 3.394   -11.430 11.657  1.00 60.74 ? 11  ASP A OD2 1 
ATOM   102 N N   . THR A 1 14 ? 3.270   -8.704  6.866   1.00 44.50 ? 12  THR A N   1 
ATOM   103 C CA  . THR A 1 14 ? 3.911   -7.808  5.954   1.00 44.07 ? 12  THR A CA  1 
ATOM   104 C C   . THR A 1 14 ? 2.921   -6.662  5.646   1.00 41.00 ? 12  THR A C   1 
ATOM   105 O O   . THR A 1 14 ? 3.339   -5.552  5.619   1.00 39.84 ? 12  THR A O   1 
ATOM   106 C CB  . THR A 1 14 ? 4.607   -8.447  4.650   1.00 44.96 ? 12  THR A CB  1 
ATOM   107 O OG1 . THR A 1 14 ? 3.701   -8.460  3.528   1.00 51.94 ? 12  THR A OG1 1 
ATOM   108 C CG2 . THR A 1 14 ? 5.192   -9.831  4.879   1.00 45.24 ? 12  THR A CG2 1 
ATOM   109 N N   . LEU A 1 15 ? 1.626   -6.938  5.484   1.00 38.99 ? 13  LEU A N   1 
ATOM   110 C CA  . LEU A 1 15 ? 0.657   -5.836  5.244   1.00 38.62 ? 13  LEU A CA  1 
ATOM   111 C C   . LEU A 1 15 ? 0.648   -4.794  6.383   1.00 38.07 ? 13  LEU A C   1 
ATOM   112 O O   . LEU A 1 15 ? 0.573   -3.594  6.135   1.00 35.77 ? 13  LEU A O   1 
ATOM   113 C CB  . LEU A 1 15 ? -0.772  -6.336  4.964   1.00 36.63 ? 13  LEU A CB  1 
ATOM   114 C CG  . LEU A 1 15 ? -1.864  -5.273  4.694   1.00 37.38 ? 13  LEU A CG  1 
ATOM   115 C CD1 . LEU A 1 15 ? -1.481  -4.220  3.617   1.00 36.14 ? 13  LEU A CD1 1 
ATOM   116 C CD2 . LEU A 1 15 ? -3.156  -5.912  4.274   1.00 36.20 ? 13  LEU A CD2 1 
ATOM   117 N N   . ASN A 1 16 ? 0.745   -5.262  7.633   1.00 38.85 ? 14  ASN A N   1 
ATOM   118 C CA  . ASN A 1 16 ? 0.709   -4.345  8.805   1.00 38.58 ? 14  ASN A CA  1 
ATOM   119 C C   . ASN A 1 16 ? 1.872   -3.435  8.829   1.00 36.15 ? 14  ASN A C   1 
ATOM   120 O O   . ASN A 1 16 ? 1.709   -2.244  9.095   1.00 34.63 ? 14  ASN A O   1 
ATOM   121 C CB  . ASN A 1 16 ? 0.598   -5.097  10.149  1.00 40.71 ? 14  ASN A CB  1 
ATOM   122 C CG  . ASN A 1 16 ? -0.696  -5.875  10.258  1.00 44.86 ? 14  ASN A CG  1 
ATOM   123 O OD1 . ASN A 1 16 ? -1.699  -5.499  9.647   1.00 51.50 ? 14  ASN A OD1 1 
ATOM   124 N ND2 . ASN A 1 16 ? -0.670  -7.000  11.007  1.00 48.74 ? 14  ASN A ND2 1 
ATOM   125 N N   . ASN A 1 17 ? 3.044   -4.009  8.537   1.00 35.72 ? 15  ASN A N   1 
ATOM   126 C CA  . ASN A 1 17 ? 4.296   -3.285  8.422   1.00 35.82 ? 15  ASN A CA  1 
ATOM   127 C C   . ASN A 1 17 ? 4.230   -2.255  7.267   1.00 34.38 ? 15  ASN A C   1 
ATOM   128 O O   . ASN A 1 17 ? 4.667   -1.134  7.427   1.00 35.29 ? 15  ASN A O   1 
ATOM   129 C CB  . ASN A 1 17 ? 5.504   -4.242  8.165   1.00 37.68 ? 15  ASN A CB  1 
ATOM   130 C CG  . ASN A 1 17 ? 5.829   -5.191  9.355   1.00 44.73 ? 15  ASN A CG  1 
ATOM   131 O OD1 . ASN A 1 17 ? 5.604   -4.861  10.511  1.00 48.79 ? 15  ASN A OD1 1 
ATOM   132 N ND2 . ASN A 1 17 ? 6.383   -6.368  9.040   1.00 45.22 ? 15  ASN A ND2 1 
ATOM   133 N N   . LEU A 1 18 ? 3.718   -2.657  6.107   1.00 33.84 ? 16  LEU A N   1 
ATOM   134 C CA  . LEU A 1 18 ? 3.513   -1.696  4.970   1.00 32.66 ? 16  LEU A CA  1 
ATOM   135 C C   . LEU A 1 18 ? 2.558   -0.524  5.378   1.00 31.04 ? 16  LEU A C   1 
ATOM   136 O O   . LEU A 1 18 ? 2.798   0.629   5.023   1.00 30.35 ? 16  LEU A O   1 
ATOM   137 C CB  . LEU A 1 18 ? 2.922   -2.427  3.725   1.00 31.79 ? 16  LEU A CB  1 
ATOM   138 C CG  . LEU A 1 18 ? 3.644   -3.589  2.981   1.00 34.46 ? 16  LEU A CG  1 
ATOM   139 C CD1 . LEU A 1 18 ? 2.916   -4.002  1.708   1.00 34.59 ? 16  LEU A CD1 1 
ATOM   140 C CD2 . LEU A 1 18 ? 5.012   -3.220  2.578   1.00 34.76 ? 16  LEU A CD2 1 
ATOM   141 N N   . LEU A 1 19 ? 1.477   -0.849  6.105   1.00 30.83 ? 17  LEU A N   1 
ATOM   142 C CA  . LEU A 1 19 ? 0.512   0.179   6.543   1.00 31.33 ? 17  LEU A CA  1 
ATOM   143 C C   . LEU A 1 19 ? 1.153   1.168   7.498   1.00 30.93 ? 17  LEU A C   1 
ATOM   144 O O   . LEU A 1 19 ? 1.006   2.366   7.339   1.00 32.01 ? 17  LEU A O   1 
ATOM   145 C CB  . LEU A 1 19 ? -0.736  -0.464  7.186   1.00 31.42 ? 17  LEU A CB  1 
ATOM   146 C CG  . LEU A 1 19 ? -1.711  -1.078  6.184   1.00 31.24 ? 17  LEU A CG  1 
ATOM   147 C CD1 . LEU A 1 19 ? -2.617  -2.062  6.934   1.00 33.89 ? 17  LEU A CD1 1 
ATOM   148 C CD2 . LEU A 1 19 ? -2.534  -0.004  5.491   1.00 31.78 ? 17  LEU A CD2 1 
ATOM   149 N N   . GLU A 1 20 ? 1.897   0.646   8.486   1.00 32.10 ? 18  GLU A N   1 
ATOM   150 C CA  . GLU A 1 20 ? 2.645   1.461   9.437   1.00 33.05 ? 18  GLU A CA  1 
ATOM   151 C C   . GLU A 1 20 ? 3.688   2.324   8.749   1.00 33.52 ? 18  GLU A C   1 
ATOM   152 O O   . GLU A 1 20 ? 3.746   3.542   9.019   1.00 35.19 ? 18  GLU A O   1 
ATOM   153 C CB  . GLU A 1 20 ? 3.229   0.570   10.572  1.00 34.14 ? 18  GLU A CB  1 
ATOM   154 C CG  . GLU A 1 20 ? 4.181   1.299   11.459  1.00 40.91 ? 18  GLU A CG  1 
ATOM   155 C CD  . GLU A 1 20 ? 4.371   0.632   12.830  1.00 48.35 ? 18  GLU A CD  1 
ATOM   156 O OE1 . GLU A 1 20 ? 3.850   -0.521  13.060  1.00 47.69 ? 18  GLU A OE1 1 
ATOM   157 O OE2 . GLU A 1 20 ? 5.047   1.318   13.656  1.00 52.37 ? 18  GLU A OE2 1 
ATOM   158 N N   . ASP A 1 21 ? 4.469   1.743   7.818   1.00 33.18 ? 19  ASP A N   1 
ATOM   159 C CA  . ASP A 1 21 ? 5.423   2.542   7.012   1.00 33.93 ? 19  ASP A CA  1 
ATOM   160 C C   . ASP A 1 21 ? 4.718   3.699   6.337   1.00 32.53 ? 19  ASP A C   1 
ATOM   161 O O   . ASP A 1 21 ? 5.158   4.840   6.409   1.00 34.24 ? 19  ASP A O   1 
ATOM   162 C CB  . ASP A 1 21 ? 6.118   1.694   5.926   1.00 34.09 ? 19  ASP A CB  1 
ATOM   163 C CG  . ASP A 1 21 ? 7.109   0.684   6.525   1.00 39.03 ? 19  ASP A CG  1 
ATOM   164 O OD1 . ASP A 1 21 ? 7.399   0.794   7.728   1.00 37.89 ? 19  ASP A OD1 1 
ATOM   165 O OD2 . ASP A 1 21 ? 7.554   -0.235  5.795   1.00 45.36 ? 19  ASP A OD2 1 
ATOM   166 N N   . PHE A 1 22 ? 3.592   3.413   5.710   1.00 32.52 ? 20  PHE A N   1 
ATOM   167 C CA  . PHE A 1 22 ? 2.876   4.411   4.874   1.00 30.26 ? 20  PHE A CA  1 
ATOM   168 C C   . PHE A 1 22 ? 2.422   5.563   5.724   1.00 31.35 ? 20  PHE A C   1 
ATOM   169 O O   . PHE A 1 22 ? 2.649   6.719   5.382   1.00 31.97 ? 20  PHE A O   1 
ATOM   170 C CB  . PHE A 1 22 ? 1.717   3.700   4.147   1.00 31.73 ? 20  PHE A CB  1 
ATOM   171 C CG  . PHE A 1 22 ? 0.813   4.619   3.389   1.00 33.15 ? 20  PHE A CG  1 
ATOM   172 C CD1 . PHE A 1 22 ? 1.220   5.196   2.198   1.00 34.91 ? 20  PHE A CD1 1 
ATOM   173 C CD2 . PHE A 1 22 ? -0.450  4.930   3.901   1.00 35.32 ? 20  PHE A CD2 1 
ATOM   174 C CE1 . PHE A 1 22 ? 0.374   6.082   1.490   1.00 36.20 ? 20  PHE A CE1 1 
ATOM   175 C CE2 . PHE A 1 22 ? -1.333  5.778   3.195   1.00 36.24 ? 20  PHE A CE2 1 
ATOM   176 C CZ  . PHE A 1 22 ? -0.908  6.378   2.009   1.00 38.46 ? 20  PHE A CZ  1 
ATOM   177 N N   . VAL A 1 23 ? 1.776   5.282   6.837   1.00 34.15 ? 21  VAL A N   1 
ATOM   178 C CA  . VAL A 1 23 ? 1.198   6.371   7.642   1.00 36.86 ? 21  VAL A CA  1 
ATOM   179 C C   . VAL A 1 23 ? 2.248   7.149   8.446   1.00 40.46 ? 21  VAL A C   1 
ATOM   180 O O   . VAL A 1 23 ? 1.956   8.210   9.006   1.00 40.94 ? 21  VAL A O   1 
ATOM   181 C CB  . VAL A 1 23 ? -0.026  5.922   8.542   1.00 36.79 ? 21  VAL A CB  1 
ATOM   182 C CG1 . VAL A 1 23 ? -1.060  5.231   7.708   1.00 33.50 ? 21  VAL A CG1 1 
ATOM   183 C CG2 . VAL A 1 23 ? 0.403   4.979   9.701   1.00 37.03 ? 21  VAL A CG2 1 
ATOM   184 N N   . THR A 1 24 ? 3.481   6.650   8.467   1.00 42.46 ? 22  THR A N   1 
ATOM   185 C CA  . THR A 1 24 ? 4.540   7.449   9.027   1.00 45.21 ? 22  THR A CA  1 
ATOM   186 C C   . THR A 1 24 ? 5.519   7.956   7.973   1.00 47.18 ? 22  THR A C   1 
ATOM   187 O O   . THR A 1 24 ? 6.494   8.590   8.328   1.00 47.49 ? 22  THR A O   1 
ATOM   188 C CB  . THR A 1 24 ? 5.275   6.732   10.161  1.00 44.95 ? 22  THR A CB  1 
ATOM   189 O OG1 . THR A 1 24 ? 5.750   5.471   9.709   1.00 45.91 ? 22  THR A OG1 1 
ATOM   190 C CG2 . THR A 1 24 ? 4.337   6.510   11.366  1.00 46.15 ? 22  THR A CG2 1 
ATOM   191 N N   . ARG A 1 25 ? 5.213   7.733   6.687   1.00 48.83 ? 23  ARG A N   1 
ATOM   192 C CA  . ARG A 1 25 ? 6.108   8.110   5.560   1.00 50.41 ? 23  ARG A CA  1 
ATOM   193 C C   . ARG A 1 25 ? 6.572   9.578   5.555   1.00 51.14 ? 23  ARG A C   1 
ATOM   194 O O   . ARG A 1 25 ? 5.848   10.465  6.018   1.00 52.75 ? 23  ARG A O   1 
ATOM   195 C CB  . ARG A 1 25 ? 5.458   7.792   4.203   1.00 50.23 ? 23  ARG A CB  1 
ATOM   196 C CG  . ARG A 1 25 ? 4.360   8.814   3.827   1.00 49.80 ? 23  ARG A CG  1 
ATOM   197 C CD  . ARG A 1 25 ? 3.428   8.405   2.662   1.00 52.15 ? 23  ARG A CD  1 
ATOM   198 N NE  . ARG A 1 25 ? 2.062   8.780   3.065   1.00 59.56 ? 23  ARG A NE  1 
ATOM   199 C CZ  . ARG A 1 25 ? 1.142   9.314   2.277   1.00 62.36 ? 23  ARG A CZ  1 
ATOM   200 N NH1 . ARG A 1 25 ? 1.400   9.548   0.999   1.00 64.73 ? 23  ARG A NH1 1 
ATOM   201 N NH2 . ARG A 1 25 ? -0.055  9.607   2.779   1.00 64.41 ? 23  ARG A NH2 1 
ATOM   202 N N   . GLU A 1 33 ? -2.356  14.759  18.164  1.00 53.79 ? 31  GLU A N   1 
ATOM   203 C CA  . GLU A 1 33 ? -2.060  13.952  16.971  1.00 53.43 ? 31  GLU A CA  1 
ATOM   204 C C   . GLU A 1 33 ? -2.901  12.637  16.955  1.00 51.57 ? 31  GLU A C   1 
ATOM   205 O O   . GLU A 1 33 ? -3.065  11.966  17.974  1.00 51.47 ? 31  GLU A O   1 
ATOM   206 C CB  . GLU A 1 33 ? -0.543  13.693  16.913  1.00 54.88 ? 31  GLU A CB  1 
ATOM   207 C CG  . GLU A 1 33 ? 0.010   12.819  15.756  1.00 57.75 ? 31  GLU A CG  1 
ATOM   208 C CD  . GLU A 1 33 ? 0.666   13.623  14.635  1.00 64.75 ? 31  GLU A CD  1 
ATOM   209 O OE1 . GLU A 1 33 ? 0.427   14.877  14.539  1.00 66.55 ? 31  GLU A OE1 1 
ATOM   210 O OE2 . GLU A 1 33 ? 1.430   12.991  13.843  1.00 62.95 ? 31  GLU A OE2 1 
ATOM   211 N N   . THR A 1 34 ? -3.451  12.282  15.803  1.00 48.85 ? 32  THR A N   1 
ATOM   212 C CA  . THR A 1 34 ? -4.214  11.035  15.673  1.00 46.23 ? 32  THR A CA  1 
ATOM   213 C C   . THR A 1 34 ? -3.333  9.824   16.015  1.00 44.07 ? 32  THR A C   1 
ATOM   214 O O   . THR A 1 34 ? -2.227  9.734   15.529  1.00 42.86 ? 32  THR A O   1 
ATOM   215 C CB  . THR A 1 34 ? -4.705  10.903  14.219  1.00 46.61 ? 32  THR A CB  1 
ATOM   216 O OG1 . THR A 1 34 ? -5.472  12.066  13.879  1.00 49.87 ? 32  THR A OG1 1 
ATOM   217 C CG2 . THR A 1 34 ? -5.524  9.664   14.033  1.00 45.11 ? 32  THR A CG2 1 
ATOM   218 N N   . PRO A 1 35 ? -3.814  8.889   16.854  1.00 43.52 ? 33  PRO A N   1 
ATOM   219 C CA  . PRO A 1 35 ? -3.020  7.698   17.158  1.00 42.01 ? 33  PRO A CA  1 
ATOM   220 C C   . PRO A 1 35 ? -2.671  6.879   15.921  1.00 42.00 ? 33  PRO A C   1 
ATOM   221 O O   . PRO A 1 35 ? -3.457  6.861   14.942  1.00 40.64 ? 33  PRO A O   1 
ATOM   222 C CB  . PRO A 1 35 ? -3.946  6.843   18.041  1.00 42.39 ? 33  PRO A CB  1 
ATOM   223 C CG  . PRO A 1 35 ? -5.136  7.698   18.409  1.00 42.73 ? 33  PRO A CG  1 
ATOM   224 C CD  . PRO A 1 35 ? -5.114  8.937   17.569  1.00 43.06 ? 33  PRO A CD  1 
ATOM   225 N N   . LEU A 1 36 ? -1.549  6.162   15.997  1.00 40.38 ? 34  LEU A N   1 
ATOM   226 C CA  . LEU A 1 36 ? -1.071  5.281   14.925  1.00 40.56 ? 34  LEU A CA  1 
ATOM   227 C C   . LEU A 1 36 ? -2.125  4.343   14.378  1.00 39.19 ? 34  LEU A C   1 
ATOM   228 O O   . LEU A 1 36 ? -2.278  4.214   13.154  1.00 36.51 ? 34  LEU A O   1 
ATOM   229 C CB  . LEU A 1 36 ? 0.066   4.390   15.406  1.00 41.18 ? 34  LEU A CB  1 
ATOM   230 C CG  . LEU A 1 36 ? 0.816   3.667   14.284  1.00 41.12 ? 34  LEU A CG  1 
ATOM   231 C CD1 . LEU A 1 36 ? 1.357   4.667   13.200  1.00 45.81 ? 34  LEU A CD1 1 
ATOM   232 C CD2 . LEU A 1 36 ? 2.007   2.824   14.863  1.00 44.23 ? 34  LEU A CD2 1 
ATOM   233 N N   . ASP A 1 37 ? -2.773  3.638   15.291  1.00 37.33 ? 35  ASP A N   1 
ATOM   234 C CA  . ASP A 1 37 ? -3.747  2.655   14.951  1.00 39.10 ? 35  ASP A CA  1 
ATOM   235 C C   . ASP A 1 37 ? -4.960  3.222   14.156  1.00 36.55 ? 35  ASP A C   1 
ATOM   236 O O   . ASP A 1 37 ? -5.448  2.561   13.259  1.00 36.32 ? 35  ASP A O   1 
ATOM   237 C CB  . ASP A 1 37 ? -4.168  1.878   16.218  1.00 41.30 ? 35  ASP A CB  1 
ATOM   238 C CG  . ASP A 1 37 ? -5.547  1.325   16.121  1.00 47.20 ? 35  ASP A CG  1 
ATOM   239 O OD1 . ASP A 1 37 ? -6.493  2.015   16.614  1.00 55.91 ? 35  ASP A OD1 1 
ATOM   240 O OD2 . ASP A 1 37 ? -5.714  0.224   15.539  1.00 54.44 ? 35  ASP A OD2 1 
ATOM   241 N N   . VAL A 1 38 ? -5.423  4.419   14.523  1.00 35.55 ? 36  VAL A N   1 
ATOM   242 C CA  . VAL A 1 38 ? -6.446  5.131   13.788  1.00 35.61 ? 36  VAL A CA  1 
ATOM   243 C C   . VAL A 1 38 ? -5.973  5.462   12.330  1.00 34.80 ? 36  VAL A C   1 
ATOM   244 O O   . VAL A 1 38 ? -6.711  5.310   11.343  1.00 33.91 ? 36  VAL A O   1 
ATOM   245 C CB  . VAL A 1 38 ? -6.847  6.429   14.530  1.00 35.14 ? 36  VAL A CB  1 
ATOM   246 C CG1 . VAL A 1 38 ? -7.593  7.331   13.659  1.00 36.85 ? 36  VAL A CG1 1 
ATOM   247 C CG2 . VAL A 1 38 ? -7.613  6.102   15.841  1.00 37.87 ? 36  VAL A CG2 1 
ATOM   248 N N   . ARG A 1 39 ? -4.770  5.966   12.233  1.00 32.93 ? 37  ARG A N   1 
ATOM   249 C CA  . ARG A 1 39 ? -4.200  6.277   10.926  1.00 33.46 ? 37  ARG A CA  1 
ATOM   250 C C   . ARG A 1 39 ? -4.072  5.024   10.075  1.00 31.14 ? 37  ARG A C   1 
ATOM   251 O O   . ARG A 1 39 ? -4.341  5.073   8.892   1.00 29.88 ? 37  ARG A O   1 
ATOM   252 C CB  . ARG A 1 39 ? -2.859  6.986   11.123  1.00 34.72 ? 37  ARG A CB  1 
ATOM   253 C CG  . ARG A 1 39 ? -2.990  8.475   11.485  1.00 40.25 ? 37  ARG A CG  1 
ATOM   254 C CD  . ARG A 1 39 ? -1.590  9.085   11.551  1.00 49.56 ? 37  ARG A CD  1 
ATOM   255 N NE  . ARG A 1 39 ? -0.954  8.612   12.767  1.00 52.94 ? 37  ARG A NE  1 
ATOM   256 C CZ  . ARG A 1 39 ? 0.350   8.604   13.032  1.00 56.15 ? 37  ARG A CZ  1 
ATOM   257 N NH1 . ARG A 1 39 ? 1.258   9.017   12.159  1.00 57.52 ? 37  ARG A NH1 1 
ATOM   258 N NH2 . ARG A 1 39 ? 0.752   8.154   14.208  1.00 59.42 ? 37  ARG A NH2 1 
ATOM   259 N N   . VAL A 1 40 ? -3.679  3.900   10.690  1.00 28.93 ? 38  VAL A N   1 
ATOM   260 C CA  . VAL A 1 40 ? -3.561  2.629   10.009  1.00 30.43 ? 38  VAL A CA  1 
ATOM   261 C C   . VAL A 1 40 ? -4.950  2.185   9.519   1.00 31.26 ? 38  VAL A C   1 
ATOM   262 O O   . VAL A 1 40 ? -5.087  1.690   8.393   1.00 29.98 ? 38  VAL A O   1 
ATOM   263 C CB  . VAL A 1 40 ? -2.839  1.514   10.906  1.00 30.12 ? 38  VAL A CB  1 
ATOM   264 C CG1 . VAL A 1 40 ? -2.976  0.089   10.314  1.00 30.43 ? 38  VAL A CG1 1 
ATOM   265 C CG2 . VAL A 1 40 ? -1.303  1.851   11.109  1.00 31.03 ? 38  VAL A CG2 1 
ATOM   266 N N   . GLU A 1 41 ? -5.978  2.339   10.373  1.00 31.43 ? 39  GLU A N   1 
ATOM   267 C CA  . GLU A 1 41 ? -7.326  1.936   9.957   1.00 32.17 ? 39  GLU A CA  1 
ATOM   268 C C   . GLU A 1 41 ? -7.843  2.805   8.790   1.00 29.66 ? 39  GLU A C   1 
ATOM   269 O O   . GLU A 1 41 ? -8.550  2.293   7.925   1.00 29.41 ? 39  GLU A O   1 
ATOM   270 C CB  . GLU A 1 41 ? -8.336  1.991   11.141  1.00 31.70 ? 39  GLU A CB  1 
ATOM   271 C CG  . GLU A 1 41 ? -8.288  0.854   12.083  1.00 38.58 ? 39  GLU A CG  1 
ATOM   272 C CD  . GLU A 1 41 ? -8.747  -0.478  11.444  1.00 47.44 ? 39  GLU A CD  1 
ATOM   273 O OE1 . GLU A 1 41 ? -9.609  -0.515  10.501  1.00 44.74 ? 39  GLU A OE1 1 
ATOM   274 O OE2 . GLU A 1 41 ? -8.194  -1.495  11.898  1.00 52.04 ? 39  GLU A OE2 1 
ATOM   275 N N   . ARG A 1 42 ? -7.525  4.083   8.810   1.00 29.43 ? 40  ARG A N   1 
ATOM   276 C CA  . ARG A 1 42 ? -7.870  4.967   7.715   1.00 30.40 ? 40  ARG A CA  1 
ATOM   277 C C   . ARG A 1 42 ? -7.171  4.477   6.442   1.00 29.56 ? 40  ARG A C   1 
ATOM   278 O O   . ARG A 1 42 ? -7.742  4.475   5.365   1.00 27.87 ? 40  ARG A O   1 
ATOM   279 C CB  . ARG A 1 42 ? -7.434  6.399   7.950   1.00 30.55 ? 40  ARG A CB  1 
ATOM   280 C CG  . ARG A 1 42 ? -8.155  7.174   9.024   1.00 33.09 ? 40  ARG A CG  1 
ATOM   281 C CD  . ARG A 1 42 ? -7.578  8.551   9.073   1.00 33.33 ? 40  ARG A CD  1 
ATOM   282 N NE  . ARG A 1 42 ? -8.306  9.314   10.086  1.00 38.60 ? 40  ARG A NE  1 
ATOM   283 C CZ  . ARG A 1 42 ? -7.847  10.415  10.659  1.00 41.55 ? 40  ARG A CZ  1 
ATOM   284 N NH1 . ARG A 1 42 ? -6.646  10.882  10.324  1.00 40.76 ? 40  ARG A NH1 1 
ATOM   285 N NH2 . ARG A 1 42 ? -8.577  11.057  11.562  1.00 38.90 ? 40  ARG A NH2 1 
ATOM   286 N N   . ALA A 1 43 ? -5.919  4.038   6.567   1.00 29.33 ? 41  ALA A N   1 
ATOM   287 C CA  . ALA A 1 43 ? -5.186  3.522   5.384   1.00 28.35 ? 41  ALA A CA  1 
ATOM   288 C C   . ALA A 1 43 ? -5.765  2.168   4.851   1.00 28.53 ? 41  ALA A C   1 
ATOM   289 O O   . ALA A 1 43 ? -5.767  1.886   3.646   1.00 27.35 ? 41  ALA A O   1 
ATOM   290 C CB  . ALA A 1 43 ? -3.677  3.434   5.728   1.00 29.82 ? 41  ALA A CB  1 
ATOM   291 N N   . ARG A 1 44 ? -6.222  1.311   5.758   1.00 30.07 ? 42  ARG A N   1 
ATOM   292 C CA  . ARG A 1 44 ? -6.835  0.058   5.399   1.00 32.50 ? 42  ARG A CA  1 
ATOM   293 C C   . ARG A 1 44 ? -8.140  0.292   4.618   1.00 31.12 ? 42  ARG A C   1 
ATOM   294 O O   . ARG A 1 44 ? -8.462  -0.490  3.740   1.00 31.14 ? 42  ARG A O   1 
ATOM   295 C CB  . ARG A 1 44 ? -7.232  -0.784  6.617   1.00 30.80 ? 42  ARG A CB  1 
ATOM   296 C CG  . ARG A 1 44 ? -6.161  -1.521  7.331   1.00 36.32 ? 42  ARG A CG  1 
ATOM   297 C CD  . ARG A 1 44 ? -6.741  -2.510  8.433   1.00 34.91 ? 42  ARG A CD  1 
ATOM   298 N NE  . ARG A 1 44 ? -5.633  -2.925  9.269   1.00 43.29 ? 42  ARG A NE  1 
ATOM   299 C CZ  . ARG A 1 44 ? -4.768  -3.885  8.955   1.00 45.00 ? 42  ARG A CZ  1 
ATOM   300 N NH1 . ARG A 1 44 ? -4.879  -4.555  7.801   1.00 37.85 ? 42  ARG A NH1 1 
ATOM   301 N NH2 . ARG A 1 44 ? -3.766  -4.153  9.802   1.00 46.81 ? 42  ARG A NH2 1 
ATOM   302 N N   . HIS A 1 45 ? -8.905  1.281   5.045   1.00 30.52 ? 43  HIS A N   1 
ATOM   303 C CA  . HIS A 1 45 ? -10.139 1.681   4.334   1.00 31.68 ? 43  HIS A CA  1 
ATOM   304 C C   . HIS A 1 45 ? -9.788  2.177   2.922   1.00 30.01 ? 43  HIS A C   1 
ATOM   305 O O   . HIS A 1 45 ? -10.471 1.833   1.954   1.00 30.12 ? 43  HIS A O   1 
ATOM   306 C CB  . HIS A 1 45 ? -10.839 2.779   5.101   1.00 30.48 ? 43  HIS A CB  1 
ATOM   307 C CG  . HIS A 1 45 ? -12.218 3.085   4.605   1.00 34.99 ? 43  HIS A CG  1 
ATOM   308 N ND1 . HIS A 1 45 ? -13.233 2.164   4.613   1.00 36.43 ? 43  HIS A ND1 1 
ATOM   309 C CD2 . HIS A 1 45 ? -12.752 4.235   4.122   1.00 36.99 ? 43  HIS A CD2 1 
ATOM   310 C CE1 . HIS A 1 45 ? -14.338 2.725   4.153   1.00 38.75 ? 43  HIS A CE1 1 
ATOM   311 N NE2 . HIS A 1 45 ? -14.065 3.974   3.826   1.00 37.88 ? 43  HIS A NE2 1 
ATOM   312 N N   . ALA A 1 46 ? -8.746  3.000   2.842   1.00 29.16 ? 44  ALA A N   1 
ATOM   313 C CA  . ALA A 1 46 ? -8.238  3.550   1.573   1.00 28.16 ? 44  ALA A CA  1 
ATOM   314 C C   . ALA A 1 46 ? -7.836  2.373   0.652   1.00 29.24 ? 44  ALA A C   1 
ATOM   315 O O   . ALA A 1 46 ? -8.145  2.394   -0.557  1.00 26.83 ? 44  ALA A O   1 
ATOM   316 C CB  . ALA A 1 46 ? -7.072  4.469   1.819   1.00 28.02 ? 44  ALA A CB  1 
ATOM   317 N N   . LEU A 1 47 ? -7.227  1.304   1.229   1.00 29.03 ? 45  LEU A N   1 
ATOM   318 C CA  . LEU A 1 47 ? -6.890  0.095   0.418   1.00 28.44 ? 45  LEU A CA  1 
ATOM   319 C C   . LEU A 1 47 ? -8.146  -0.622  -0.068  1.00 29.01 ? 45  LEU A C   1 
ATOM   320 O O   . LEU A 1 47 ? -8.256  -1.034  -1.291  1.00 26.63 ? 45  LEU A O   1 
ATOM   321 C CB  . LEU A 1 47 ? -6.037  -0.917  1.233   1.00 29.57 ? 45  LEU A CB  1 
ATOM   322 C CG  . LEU A 1 47 ? -4.569  -0.576  1.468   1.00 31.12 ? 45  LEU A CG  1 
ATOM   323 C CD1 . LEU A 1 47 ? -4.142  -1.607  2.519   1.00 29.62 ? 45  LEU A CD1 1 
ATOM   324 C CD2 . LEU A 1 47 ? -3.847  -0.770  0.100   1.00 28.62 ? 45  LEU A CD2 1 
ATOM   325 N N   . ARG A 1 48 ? -9.116  -0.756  0.856   1.00 27.68 ? 46  ARG A N   1 
ATOM   326 C CA  . ARG A 1 48 ? -10.433 -1.306  0.478   1.00 32.40 ? 46  ARG A CA  1 
ATOM   327 C C   . ARG A 1 48 ? -11.170 -0.484  -0.607  1.00 30.70 ? 46  ARG A C   1 
ATOM   328 O O   . ARG A 1 48 ? -11.882 -1.049  -1.460  1.00 32.43 ? 46  ARG A O   1 
ATOM   329 C CB  . ARG A 1 48 ? -11.380 -1.521  1.687   1.00 30.48 ? 46  ARG A CB  1 
ATOM   330 C CG  . ARG A 1 48 ? -10.882 -2.679  2.614   1.00 37.50 ? 46  ARG A CG  1 
ATOM   331 C CD  . ARG A 1 48 ? -11.900 -2.979  3.734   1.00 37.56 ? 46  ARG A CD  1 
ATOM   332 N NE  . ARG A 1 48 ? -12.204 -1.800  4.554   1.00 42.28 ? 46  ARG A NE  1 
ATOM   333 C CZ  . ARG A 1 48 ? -11.701 -1.574  5.782   1.00 41.98 ? 46  ARG A CZ  1 
ATOM   334 N NH1 . ARG A 1 48 ? -10.795 -2.394  6.309   1.00 36.22 ? 46  ARG A NH1 1 
ATOM   335 N NH2 . ARG A 1 48 ? -12.098 -0.494  6.455   1.00 39.38 ? 46  ARG A NH2 1 
ATOM   336 N N   . ARG A 1 49 ? -11.032 0.825   -0.561  1.00 30.85 ? 47  ARG A N   1 
ATOM   337 C CA  . ARG A 1 49 ? -11.687 1.700   -1.590  1.00 31.06 ? 47  ARG A CA  1 
ATOM   338 C C   . ARG A 1 49 ? -10.848 1.811   -2.913  1.00 31.03 ? 47  ARG A C   1 
ATOM   339 O O   . ARG A 1 49 ? -11.241 2.496   -3.891  1.00 32.07 ? 47  ARG A O   1 
ATOM   340 C CB  . ARG A 1 49 ? -11.897 3.098   -1.001  1.00 28.11 ? 47  ARG A CB  1 
ATOM   341 C CG  . ARG A 1 49 ? -12.938 3.203   0.177   1.00 31.06 ? 47  ARG A CG  1 
ATOM   342 C CD  . ARG A 1 49 ? -13.040 4.602   0.607   1.00 27.86 ? 47  ARG A CD  1 
ATOM   343 N NE  . ARG A 1 49 ? -13.257 5.429   -0.558  1.00 35.97 ? 47  ARG A NE  1 
ATOM   344 C CZ  . ARG A 1 49 ? -14.449 5.671   -1.138  1.00 33.85 ? 47  ARG A CZ  1 
ATOM   345 N NH1 . ARG A 1 49 ? -15.590 5.256   -0.572  1.00 30.72 ? 47  ARG A NH1 1 
ATOM   346 N NH2 . ARG A 1 49 ? -14.472 6.361   -2.270  1.00 26.94 ? 47  ARG A NH2 1 
ATOM   347 N N   . GLY A 1 50 ? -9.701  1.163   -2.932  1.00 31.31 ? 48  GLY A N   1 
ATOM   348 C CA  . GLY A 1 50 ? -8.736  1.274   -4.034  1.00 30.41 ? 48  GLY A CA  1 
ATOM   349 C C   . GLY A 1 50 ? -8.104  2.627   -4.228  1.00 30.26 ? 48  GLY A C   1 
ATOM   350 O O   . GLY A 1 50 ? -7.520  2.888   -5.290  1.00 30.51 ? 48  GLY A O   1 
ATOM   351 N N   . GLU A 1 51 ? -8.152  3.479   -3.201  1.00 30.77 ? 49  GLU A N   1 
ATOM   352 C CA  . GLU A 1 51 ? -7.531  4.807   -3.270  1.00 31.95 ? 49  GLU A CA  1 
ATOM   353 C C   . GLU A 1 51 ? -6.068  4.824   -2.821  1.00 30.13 ? 49  GLU A C   1 
ATOM   354 O O   . GLU A 1 51 ? -5.377  5.773   -3.088  1.00 30.23 ? 49  GLU A O   1 
ATOM   355 C CB  . GLU A 1 51 ? -8.403  5.830   -2.503  1.00 32.07 ? 49  GLU A CB  1 
ATOM   356 C CG  . GLU A 1 51 ? -9.801  5.919   -3.265  1.00 35.60 ? 49  GLU A CG  1 
ATOM   357 C CD  . GLU A 1 51 ? -10.908 6.713   -2.507  1.00 37.17 ? 49  GLU A CD  1 
ATOM   358 O OE1 . GLU A 1 51 ? -10.801 6.846   -1.237  1.00 36.91 ? 49  GLU A OE1 1 
ATOM   359 O OE2 . GLU A 1 51 ? -11.867 7.176   -3.212  1.00 40.49 ? 49  GLU A OE2 1 
ATOM   360 N N   . ALA A 1 52 ? -5.641  3.732   -2.152  1.00 29.57 ? 50  ALA A N   1 
ATOM   361 C CA  . ALA A 1 52 ? -4.220  3.335   -1.932  1.00 29.61 ? 50  ALA A CA  1 
ATOM   362 C C   . ALA A 1 52 ? -4.096  1.973   -2.552  1.00 28.57 ? 50  ALA A C   1 
ATOM   363 O O   . ALA A 1 52 ? -5.073  1.245   -2.617  1.00 29.94 ? 50  ALA A O   1 
ATOM   364 C CB  . ALA A 1 52 ? -3.882  3.250   -0.386  1.00 26.48 ? 50  ALA A CB  1 
ATOM   365 N N   . VAL A 1 53 ? -2.903  1.685   -3.080  1.00 28.88 ? 51  VAL A N   1 
ATOM   366 C CA  . VAL A 1 53 ? -2.592  0.434   -3.719  1.00 28.48 ? 51  VAL A CA  1 
ATOM   367 C C   . VAL A 1 53 ? -1.215  -0.019  -3.212  1.00 29.91 ? 51  VAL A C   1 
ATOM   368 O O   . VAL A 1 53 ? -0.506  0.741   -2.483  1.00 28.99 ? 51  VAL A O   1 
ATOM   369 C CB  . VAL A 1 53 ? -2.558  0.559   -5.305  1.00 29.94 ? 51  VAL A CB  1 
ATOM   370 C CG1 . VAL A 1 53 ? -3.941  1.042   -5.869  1.00 28.23 ? 51  VAL A CG1 1 
ATOM   371 C CG2 . VAL A 1 53 ? -1.426  1.528   -5.736  1.00 28.32 ? 51  VAL A CG2 1 
ATOM   372 N N   . ILE A 1 54 ? -0.864  -1.259  -3.559  1.00 29.37 ? 52  ILE A N   1 
ATOM   373 C CA  . ILE A 1 54 ? 0.433   -1.792  -3.204  1.00 32.04 ? 52  ILE A CA  1 
ATOM   374 C C   . ILE A 1 54 ? 1.212   -2.122  -4.460  1.00 31.72 ? 52  ILE A C   1 
ATOM   375 O O   . ILE A 1 54 ? 0.755   -2.883  -5.274  1.00 31.05 ? 52  ILE A O   1 
ATOM   376 C CB  . ILE A 1 54 ? 0.312   -3.034  -2.317  1.00 32.08 ? 52  ILE A CB  1 
ATOM   377 C CG1 . ILE A 1 54 ? -0.345  -2.579  -0.986  1.00 32.36 ? 52  ILE A CG1 1 
ATOM   378 C CG2 . ILE A 1 54 ? 1.734   -3.632  -2.053  1.00 35.00 ? 52  ILE A CG2 1 
ATOM   379 C CD1 . ILE A 1 54 ? -1.015  -3.630  -0.294  1.00 35.74 ? 52  ILE A CD1 1 
ATOM   380 N N   . LEU A 1 55 ? 2.381   -1.528  -4.561  1.00 32.60 ? 53  LEU A N   1 
ATOM   381 C CA  . LEU A 1 55 ? 3.315   -1.791  -5.623  1.00 35.60 ? 53  LEU A CA  1 
ATOM   382 C C   . LEU A 1 55 ? 4.391   -2.794  -5.200  1.00 35.98 ? 53  LEU A C   1 
ATOM   383 O O   . LEU A 1 55 ? 4.985   -2.691  -4.135  1.00 36.59 ? 53  LEU A O   1 
ATOM   384 C CB  . LEU A 1 55 ? 3.989   -0.489  -6.071  1.00 36.04 ? 53  LEU A CB  1 
ATOM   385 C CG  . LEU A 1 55 ? 3.174   0.530   -6.853  1.00 38.73 ? 53  LEU A CG  1 
ATOM   386 C CD1 . LEU A 1 55 ? 4.176   1.572   -7.330  1.00 39.99 ? 53  LEU A CD1 1 
ATOM   387 C CD2 . LEU A 1 55 ? 2.404   -0.076  -8.122  1.00 42.29 ? 53  LEU A CD2 1 
ATOM   388 N N   . PHE A 1 56 ? 4.643   -3.740  -6.071  1.00 37.98 ? 54  PHE A N   1 
ATOM   389 C CA  . PHE A 1 56 ? 5.648   -4.768  -5.822  1.00 40.10 ? 54  PHE A CA  1 
ATOM   390 C C   . PHE A 1 56 ? 6.723   -4.803  -6.923  1.00 41.17 ? 54  PHE A C   1 
ATOM   391 O O   . PHE A 1 56 ? 6.372   -4.796  -8.083  1.00 39.45 ? 54  PHE A O   1 
ATOM   392 C CB  . PHE A 1 56 ? 4.985   -6.146  -5.816  1.00 41.09 ? 54  PHE A CB  1 
ATOM   393 C CG  . PHE A 1 56 ? 5.960   -7.270  -5.584  1.00 40.68 ? 54  PHE A CG  1 
ATOM   394 C CD1 . PHE A 1 56 ? 6.629   -7.396  -4.346  1.00 42.71 ? 54  PHE A CD1 1 
ATOM   395 C CD2 . PHE A 1 56 ? 6.273   -8.149  -6.608  1.00 47.30 ? 54  PHE A CD2 1 
ATOM   396 C CE1 . PHE A 1 56 ? 7.542   -8.454  -4.119  1.00 43.54 ? 54  PHE A CE1 1 
ATOM   397 C CE2 . PHE A 1 56 ? 7.206   -9.209  -6.377  1.00 46.83 ? 54  PHE A CE2 1 
ATOM   398 C CZ  . PHE A 1 56 ? 7.832   -9.321  -5.127  1.00 42.60 ? 54  PHE A CZ  1 
ATOM   399 N N   . ASP A 1 57 ? 7.998   -4.836  -6.515  1.00 44.42 ? 55  ASP A N   1 
ATOM   400 C CA  . ASP A 1 57 ? 9.154   -4.888  -7.417  1.00 48.34 ? 55  ASP A CA  1 
ATOM   401 C C   . ASP A 1 57 ? 9.725   -6.310  -7.440  1.00 50.74 ? 55  ASP A C   1 
ATOM   402 O O   . ASP A 1 57 ? 10.281  -6.746  -6.462  1.00 50.16 ? 55  ASP A O   1 
ATOM   403 C CB  . ASP A 1 57 ? 10.250  -3.962  -6.899  1.00 49.23 ? 55  ASP A CB  1 
ATOM   404 C CG  . ASP A 1 57 ? 11.458  -3.833  -7.875  1.00 52.66 ? 55  ASP A CG  1 
ATOM   405 O OD1 . ASP A 1 57 ? 11.405  -4.399  -9.010  1.00 56.45 ? 55  ASP A OD1 1 
ATOM   406 O OD2 . ASP A 1 57 ? 12.443  -3.138  -7.506  1.00 52.90 ? 55  ASP A OD2 1 
ATOM   407 N N   . PRO A 1 58 ? 9.551   -7.032  -8.550  1.00 53.93 ? 56  PRO A N   1 
ATOM   408 C CA  . PRO A 1 58 ? 10.109  -8.367  -8.873  1.00 56.48 ? 56  PRO A CA  1 
ATOM   409 C C   . PRO A 1 58 ? 11.525  -8.598  -8.340  1.00 58.68 ? 56  PRO A C   1 
ATOM   410 O O   . PRO A 1 58 ? 11.773  -9.587  -7.632  1.00 60.47 ? 56  PRO A O   1 
ATOM   411 C CB  . PRO A 1 58 ? 10.110  -8.354  -10.395 1.00 55.95 ? 56  PRO A CB  1 
ATOM   412 C CG  . PRO A 1 58 ? 8.888   -7.581  -10.735 1.00 56.36 ? 56  PRO A CG  1 
ATOM   413 C CD  . PRO A 1 58 ? 8.680   -6.552  -9.638  1.00 54.26 ? 56  PRO A CD  1 
ATOM   414 N N   . GLU A 1 59 ? 12.426  -7.693  -8.692  1.00 60.58 ? 57  GLU A N   1 
ATOM   415 C CA  . GLU A 1 59 ? 13.795  -7.669  -8.183  1.00 63.26 ? 57  GLU A CA  1 
ATOM   416 C C   . GLU A 1 59 ? 13.830  -6.671  -7.034  1.00 62.45 ? 57  GLU A C   1 
ATOM   417 O O   . GLU A 1 59 ? 13.235  -5.614  -7.117  1.00 64.23 ? 57  GLU A O   1 
ATOM   418 C CB  . GLU A 1 59 ? 14.762  -7.217  -9.287  1.00 63.19 ? 57  GLU A CB  1 
ATOM   419 C CG  . GLU A 1 59 ? 14.602  -5.730  -9.709  1.00 65.66 ? 57  GLU A CG  1 
ATOM   420 C CD  . GLU A 1 59 ? 15.672  -5.243  -10.720 1.00 66.10 ? 57  GLU A CD  1 
ATOM   421 O OE1 . GLU A 1 59 ? 16.894  -5.245  -10.364 1.00 67.48 ? 57  GLU A OE1 1 
ATOM   422 O OE2 . GLU A 1 59 ? 15.268  -4.826  -11.847 1.00 66.28 ? 57  GLU A OE2 1 
ATOM   423 N N   . SER A 1 60 ? 14.566  -6.992  -5.990  1.00 61.94 ? 58  SER A N   1 
ATOM   424 C CA  . SER A 1 60 ? 14.444  -6.331  -4.691  1.00 60.61 ? 58  SER A CA  1 
ATOM   425 C C   . SER A 1 60 ? 13.352  -7.033  -3.922  1.00 59.18 ? 58  SER A C   1 
ATOM   426 O O   . SER A 1 60 ? 13.415  -7.080  -2.710  1.00 59.09 ? 58  SER A O   1 
ATOM   427 C CB  . SER A 1 60 ? 14.188  -4.817  -4.784  1.00 61.33 ? 58  SER A CB  1 
ATOM   428 O OG  . SER A 1 60 ? 12.810  -4.515  -4.958  1.00 61.93 ? 58  SER A OG  1 
ATOM   429 N N   . GLN A 1 61 ? 12.387  -7.615  -4.645  1.00 57.68 ? 59  GLN A N   1 
ATOM   430 C CA  . GLN A 1 61 ? 11.198  -8.272  -4.065  1.00 57.29 ? 59  GLN A CA  1 
ATOM   431 C C   . GLN A 1 61 ? 10.454  -7.404  -3.051  1.00 56.26 ? 59  GLN A C   1 
ATOM   432 O O   . GLN A 1 61 ? 9.649   -7.897  -2.273  1.00 55.94 ? 59  GLN A O   1 
ATOM   433 C CB  . GLN A 1 61 ? 11.543  -9.653  -3.456  1.00 57.83 ? 59  GLN A CB  1 
ATOM   434 C CG  . GLN A 1 61 ? 11.800  -10.782 -4.489  1.00 56.81 ? 59  GLN A CG  1 
ATOM   435 C CD  . GLN A 1 61 ? 12.108  -12.114 -3.821  1.00 58.46 ? 59  GLN A CD  1 
ATOM   436 O OE1 . GLN A 1 61 ? 12.129  -12.237 -2.592  1.00 60.45 ? 59  GLN A OE1 1 
ATOM   437 N NE2 . GLN A 1 61 ? 12.352  -13.122 -4.632  1.00 60.76 ? 59  GLN A NE2 1 
ATOM   438 N N   . GLN A 1 62 ? 10.716  -6.098  -3.091  1.00 55.12 ? 60  GLN A N   1 
ATOM   439 C CA  . GLN A 1 62 ? 10.187  -5.152  -2.114  1.00 53.93 ? 60  GLN A CA  1 
ATOM   440 C C   . GLN A 1 62 ? 8.775   -4.610  -2.495  1.00 51.21 ? 60  GLN A C   1 
ATOM   441 O O   . GLN A 1 62 ? 8.438   -4.471  -3.652  1.00 49.03 ? 60  GLN A O   1 
ATOM   442 C CB  . GLN A 1 62 ? 11.184  -4.009  -1.949  1.00 54.94 ? 60  GLN A CB  1 
ATOM   443 C CG  . GLN A 1 62 ? 12.151  -4.136  -0.792  1.00 59.71 ? 60  GLN A CG  1 
ATOM   444 C CD  . GLN A 1 62 ? 12.676  -2.743  -0.320  1.00 66.06 ? 60  GLN A CD  1 
ATOM   445 O OE1 . GLN A 1 62 ? 13.566  -2.149  -0.953  1.00 67.05 ? 60  GLN A OE1 1 
ATOM   446 N NE2 . GLN A 1 62 ? 12.120  -2.234  0.794   1.00 65.75 ? 60  GLN A NE2 1 
ATOM   447 N N   . CYS A 1 63 ? 7.974   -4.334  -1.465  1.00 50.37 ? 61  CYS A N   1 
ATOM   448 C CA  . CYS A 1 63 ? 6.615   -3.804  -1.578  1.00 48.57 ? 61  CYS A CA  1 
ATOM   449 C C   . CYS A 1 63 ? 6.585   -2.406  -1.039  1.00 46.33 ? 61  CYS A C   1 
ATOM   450 O O   . CYS A 1 63 ? 7.363   -2.040  -0.125  1.00 46.72 ? 61  CYS A O   1 
ATOM   451 C CB  . CYS A 1 63 ? 5.603   -4.624  -0.745  1.00 49.36 ? 61  CYS A CB  1 
ATOM   452 S SG  . CYS A 1 63 ? 4.942   -6.102  -1.530  1.00 51.42 ? 61  CYS A SG  1 
ATOM   453 N N   . GLN A 1 64 ? 5.651   -1.627  -1.562  1.00 43.57 ? 62  GLN A N   1 
ATOM   454 C CA  . GLN A 1 64 ? 5.330   -0.357  -0.924  1.00 41.94 ? 62  GLN A CA  1 
ATOM   455 C C   . GLN A 1 64 ? 3.842   0.068   -1.122  1.00 39.21 ? 62  GLN A C   1 
ATOM   456 O O   . GLN A 1 64 ? 3.288   -0.062  -2.191  1.00 36.33 ? 62  GLN A O   1 
ATOM   457 C CB  . GLN A 1 64 ? 6.279   0.736   -1.464  1.00 43.50 ? 62  GLN A CB  1 
ATOM   458 C CG  . GLN A 1 64 ? 6.071   2.094   -0.826  1.00 44.05 ? 62  GLN A CG  1 
ATOM   459 C CD  . GLN A 1 64 ? 7.254   2.965   -1.002  1.00 47.19 ? 62  GLN A CD  1 
ATOM   460 O OE1 . GLN A 1 64 ? 7.174   4.188   -0.866  1.00 46.82 ? 62  GLN A OE1 1 
ATOM   461 N NE2 . GLN A 1 64 ? 8.388   2.341   -1.312  1.00 45.14 ? 62  GLN A NE2 1 
ATOM   462 N N   . LEU A 1 65 ? 3.243   0.580   -0.052  1.00 37.65 ? 63  LEU A N   1 
ATOM   463 C CA  . LEU A 1 65 ? 1.920   1.142   -0.111  1.00 37.37 ? 63  LEU A CA  1 
ATOM   464 C C   . LEU A 1 65 ? 2.045   2.563   -0.652  1.00 35.33 ? 63  LEU A C   1 
ATOM   465 O O   . LEU A 1 65 ? 2.944   3.286   -0.222  1.00 36.05 ? 63  LEU A O   1 
ATOM   466 C CB  . LEU A 1 65 ? 1.318   1.231   1.280   1.00 36.84 ? 63  LEU A CB  1 
ATOM   467 C CG  . LEU A 1 65 ? -0.020  0.539   1.392   1.00 39.07 ? 63  LEU A CG  1 
ATOM   468 C CD1 . LEU A 1 65 ? 0.278   -0.604  2.381   1.00 38.49 ? 63  LEU A CD1 1 
ATOM   469 C CD2 . LEU A 1 65 ? -1.066  1.416   1.968   1.00 42.38 ? 63  LEU A CD2 1 
ATOM   470 N N   . MET A 1 66 ? 1.186   2.916   -1.617  1.00 32.69 ? 64  MET A N   1 
ATOM   471 C CA  . MET A 1 66 ? 1.167   4.262   -2.219  1.00 32.33 ? 64  MET A CA  1 
ATOM   472 C C   . MET A 1 66 ? -0.286  4.719   -2.453  1.00 30.69 ? 64  MET A C   1 
ATOM   473 O O   . MET A 1 66 ? -1.164  3.916   -2.720  1.00 31.65 ? 64  MET A O   1 
ATOM   474 C CB  . MET A 1 66 ? 1.969   4.267   -3.565  1.00 30.71 ? 64  MET A CB  1 
ATOM   475 C CG  . MET A 1 66 ? 3.584   4.380   -3.429  1.00 36.33 ? 64  MET A CG  1 
ATOM   476 S SD  . MET A 1 66 ? 4.323   4.625   -5.030  1.00 34.43 ? 64  MET A SD  1 
ATOM   477 C CE  . MET A 1 66 ? 4.169   6.408   -4.940  1.00 36.86 ? 64  MET A CE  1 
ATOM   478 N N   . LEU A 1 67 ? -0.532  6.013   -2.379  1.00 30.23 ? 65  LEU A N   1 
ATOM   479 C CA  . LEU A 1 67 ? -1.799  6.578   -2.853  1.00 30.34 ? 65  LEU A CA  1 
ATOM   480 C C   . LEU A 1 67 ? -1.864  6.396   -4.390  1.00 29.86 ? 65  LEU A C   1 
ATOM   481 O O   . LEU A 1 67 ? -0.890  6.635   -5.092  1.00 29.53 ? 65  LEU A O   1 
ATOM   482 C CB  . LEU A 1 67 ? -1.901  8.086   -2.536  1.00 30.30 ? 65  LEU A CB  1 
ATOM   483 C CG  . LEU A 1 67 ? -2.111  8.520   -1.072  1.00 31.55 ? 65  LEU A CG  1 
ATOM   484 C CD1 . LEU A 1 67 ? -2.087  10.062  -0.887  1.00 39.09 ? 65  LEU A CD1 1 
ATOM   485 C CD2 . LEU A 1 67 ? -3.427  7.932   -0.587  1.00 36.45 ? 65  LEU A CD2 1 
ATOM   486 N N   . ARG A 1 68 ? -2.965  5.881   -4.867  1.00 29.08 ? 66  ARG A N   1 
ATOM   487 C CA  . ARG A 1 68 ? -3.233  5.753   -6.336  1.00 30.16 ? 66  ARG A CA  1 
ATOM   488 C C   . ARG A 1 68 ? -2.864  7.048   -7.071  1.00 29.49 ? 66  ARG A C   1 
ATOM   489 O O   . ARG A 1 68 ? -2.349  6.988   -8.163  1.00 29.83 ? 66  ARG A O   1 
ATOM   490 C CB  . ARG A 1 68 ? -4.728  5.460   -6.572  1.00 29.18 ? 66  ARG A CB  1 
ATOM   491 C CG  . ARG A 1 68 ? -5.068  5.255   -8.094  1.00 31.33 ? 66  ARG A CG  1 
ATOM   492 C CD  . ARG A 1 68 ? -6.604  5.019   -8.291  1.00 32.70 ? 66  ARG A CD  1 
ATOM   493 N NE  . ARG A 1 68 ? -6.916  3.681   -7.813  1.00 33.17 ? 66  ARG A NE  1 
ATOM   494 C CZ  . ARG A 1 68 ? -6.704  2.565   -8.495  1.00 34.67 ? 66  ARG A CZ  1 
ATOM   495 N NH1 . ARG A 1 68 ? -6.262  2.575   -9.760  1.00 31.10 ? 66  ARG A NH1 1 
ATOM   496 N NH2 . ARG A 1 68 ? -6.926  1.424   -7.892  1.00 32.30 ? 66  ARG A NH2 1 
ATOM   497 N N   . SER A 1 69 ? -3.172  8.201   -6.456  1.00 30.30 ? 67  SER A N   1 
ATOM   498 C CA  . SER A 1 69 ? -2.915  9.543   -7.003  1.00 33.52 ? 67  SER A CA  1 
ATOM   499 C C   . SER A 1 69 ? -1.428  9.865   -7.197  1.00 35.76 ? 67  SER A C   1 
ATOM   500 O O   . SER A 1 69 ? -1.068  10.690  -8.032  1.00 36.14 ? 67  SER A O   1 
ATOM   501 C CB  . SER A 1 69 ? -3.590  10.600  -6.152  1.00 32.62 ? 67  SER A CB  1 
ATOM   502 O OG  . SER A 1 69 ? -2.920  10.788  -4.899  1.00 34.25 ? 67  SER A OG  1 
ATOM   503 N N   . GLU A 1 70 ? -0.556  9.183   -6.453  1.00 36.14 ? 68  GLU A N   1 
ATOM   504 C CA  . GLU A 1 70 ? 0.904   9.343   -6.600  1.00 36.71 ? 68  GLU A CA  1 
ATOM   505 C C   . GLU A 1 70 ? 1.600   8.339   -7.536  1.00 35.85 ? 68  GLU A C   1 
ATOM   506 O O   . GLU A 1 70 ? 2.821   8.419   -7.806  1.00 35.78 ? 68  GLU A O   1 
ATOM   507 C CB  . GLU A 1 70 ? 1.510   9.405   -5.180  1.00 38.54 ? 68  GLU A CB  1 
ATOM   508 C CG  . GLU A 1 70 ? 0.747   10.556  -4.430  1.00 41.93 ? 68  GLU A CG  1 
ATOM   509 C CD  . GLU A 1 70 ? 1.342   10.867  -3.079  1.00 48.63 ? 68  GLU A CD  1 
ATOM   510 O OE1 . GLU A 1 70 ? 2.103   9.983   -2.679  1.00 47.05 ? 68  GLU A OE1 1 
ATOM   511 O OE2 . GLU A 1 70 ? 1.054   11.969  -2.461  1.00 47.91 ? 68  GLU A OE2 1 
ATOM   512 N N   . VAL A 1 71 ? 0.810   7.410   -8.046  1.00 33.44 ? 69  VAL A N   1 
ATOM   513 C CA  . VAL A 1 71 ? 1.291   6.395   -8.943  1.00 33.68 ? 69  VAL A CA  1 
ATOM   514 C C   . VAL A 1 71 ? 1.179   6.868   -10.420 1.00 34.92 ? 69  VAL A C   1 
ATOM   515 O O   . VAL A 1 71 ? 0.114   7.329   -10.842 1.00 32.80 ? 69  VAL A O   1 
ATOM   516 C CB  . VAL A 1 71 ? 0.569   5.032   -8.711  1.00 31.32 ? 69  VAL A CB  1 
ATOM   517 C CG1 . VAL A 1 71 ? 1.181   3.969   -9.531  1.00 30.98 ? 69  VAL A CG1 1 
ATOM   518 C CG2 . VAL A 1 71 ? 0.653   4.601   -7.223  1.00 31.04 ? 69  VAL A CG2 1 
ATOM   519 N N   . PRO A 1 72 ? 2.312   6.776   -11.189 1.00 35.52 ? 70  PRO A N   1 
ATOM   520 C CA  . PRO A 1 72 ? 2.262   7.012   -12.619 1.00 35.37 ? 70  PRO A CA  1 
ATOM   521 C C   . PRO A 1 72 ? 1.253   6.150   -13.333 1.00 34.52 ? 70  PRO A C   1 
ATOM   522 O O   . PRO A 1 72 ? 1.132   4.963   -13.017 1.00 33.31 ? 70  PRO A O   1 
ATOM   523 C CB  . PRO A 1 72 ? 3.683   6.608   -13.106 1.00 36.05 ? 70  PRO A CB  1 
ATOM   524 C CG  . PRO A 1 72 ? 4.587   6.923   -11.912 1.00 36.39 ? 70  PRO A CG  1 
ATOM   525 C CD  . PRO A 1 72 ? 3.712   6.574   -10.696 1.00 33.68 ? 70  PRO A CD  1 
ATOM   526 N N   . ALA A 1 73 ? 0.617   6.704   -14.376 1.00 33.98 ? 71  ALA A N   1 
ATOM   527 C CA  . ALA A 1 73 ? -0.441  5.949   -15.059 1.00 35.24 ? 71  ALA A CA  1 
ATOM   528 C C   . ALA A 1 73 ? 0.076   4.612   -15.580 1.00 36.99 ? 71  ALA A C   1 
ATOM   529 O O   . ALA A 1 73 ? -0.652  3.625   -15.576 1.00 35.41 ? 71  ALA A O   1 
ATOM   530 C CB  . ALA A 1 73 ? -1.107  6.785   -16.205 1.00 35.00 ? 71  ALA A CB  1 
ATOM   531 N N   . GLU A 1 74 ? 1.323   4.615   -16.066 1.00 39.49 ? 72  GLU A N   1 
ATOM   532 C CA  . GLU A 1 74 ? 1.979   3.423   -16.592 1.00 43.46 ? 72  GLU A CA  1 
ATOM   533 C C   . GLU A 1 74 ? 1.970   2.248   -15.585 1.00 43.10 ? 72  GLU A C   1 
ATOM   534 O O   . GLU A 1 74 ? 1.839   1.121   -15.971 1.00 43.80 ? 72  GLU A O   1 
ATOM   535 C CB  . GLU A 1 74 ? 3.424   3.785   -16.979 1.00 44.43 ? 72  GLU A CB  1 
ATOM   536 C CG  . GLU A 1 74 ? 4.134   2.727   -17.866 1.00 52.93 ? 72  GLU A CG  1 
ATOM   537 C CD  . GLU A 1 74 ? 3.354   2.430   -19.153 1.00 58.58 ? 72  GLU A CD  1 
ATOM   538 O OE1 . GLU A 1 74 ? 2.907   3.384   -19.834 1.00 64.23 ? 72  GLU A OE1 1 
ATOM   539 O OE2 . GLU A 1 74 ? 3.164   1.246   -19.470 1.00 62.10 ? 72  GLU A OE2 1 
ATOM   540 N N   . LEU A 1 75 ? 2.063   2.556   -14.306 1.00 43.49 ? 73  LEU A N   1 
ATOM   541 C CA  . LEU A 1 75 ? 2.053   1.555   -13.210 1.00 45.57 ? 73  LEU A CA  1 
ATOM   542 C C   . LEU A 1 75 ? 0.646   1.211   -12.639 1.00 47.12 ? 73  LEU A C   1 
ATOM   543 O O   . LEU A 1 75 ? 0.520   0.351   -11.751 1.00 49.01 ? 73  LEU A O   1 
ATOM   544 C CB  . LEU A 1 75 ? 2.994   2.030   -12.102 1.00 43.80 ? 73  LEU A CB  1 
ATOM   545 C CG  . LEU A 1 75 ? 4.411   2.346   -12.595 1.00 44.81 ? 73  LEU A CG  1 
ATOM   546 C CD1 . LEU A 1 75 ? 5.315   3.091   -11.621 1.00 43.11 ? 73  LEU A CD1 1 
ATOM   547 C CD2 . LEU A 1 75 ? 5.095   1.062   -13.092 1.00 45.12 ? 73  LEU A CD2 1 
ATOM   548 N N   . LEU A 1 76 ? -0.400  1.879   -13.131 1.00 47.95 ? 74  LEU A N   1 
ATOM   549 C CA  . LEU A 1 76 ? -1.789  1.570   -12.767 1.00 48.40 ? 74  LEU A CA  1 
ATOM   550 C C   . LEU A 1 76 ? -2.532  0.792   -13.878 1.00 51.79 ? 74  LEU A C   1 
ATOM   551 O O   . LEU A 1 76 ? -3.629  0.248   -13.648 1.00 49.79 ? 74  LEU A O   1 
ATOM   552 C CB  . LEU A 1 76 ? -2.569  2.835   -12.392 1.00 46.18 ? 74  LEU A CB  1 
ATOM   553 C CG  . LEU A 1 76 ? -2.075  3.704   -11.249 1.00 41.03 ? 74  LEU A CG  1 
ATOM   554 C CD1 . LEU A 1 76 ? -2.824  5.012   -11.310 1.00 35.56 ? 74  LEU A CD1 1 
ATOM   555 C CD2 . LEU A 1 76 ? -2.335  3.002   -9.916  1.00 32.95 ? 74  LEU A CD2 1 
ATOM   556 N N   . ARG A 1 77 ? -1.900  0.757   -15.059 1.00 55.82 ? 75  ARG A N   1 
ATOM   557 C CA  . ARG A 1 77 ? -2.210  -0.141  -16.204 1.00 60.43 ? 75  ARG A CA  1 
ATOM   558 C C   . ARG A 1 77 ? -1.601  -1.511  -15.980 1.00 62.14 ? 75  ARG A C   1 
ATOM   559 O O   . ARG A 1 77 ? -0.386  -1.672  -16.148 1.00 62.74 ? 75  ARG A O   1 
ATOM   560 C CB  . ARG A 1 77 ? -1.597  0.436   -17.493 1.00 60.06 ? 75  ARG A CB  1 
ATOM   561 C CG  . ARG A 1 77 ? -2.411  1.544   -18.117 1.00 64.49 ? 75  ARG A CG  1 
ATOM   562 C CD  . ARG A 1 77 ? -3.572  1.020   -19.015 1.00 69.80 ? 75  ARG A CD  1 
ATOM   563 N NE  . ARG A 1 77 ? -4.865  0.964   -18.316 1.00 72.10 ? 75  ARG A NE  1 
ATOM   564 C CZ  . ARG A 1 77 ? -6.056  1.054   -18.914 1.00 73.67 ? 75  ARG A CZ  1 
ATOM   565 N NH1 . ARG A 1 77 ? -6.135  1.229   -20.232 1.00 75.53 ? 75  ARG A NH1 1 
ATOM   566 N NH2 . ARG A 1 77 ? -7.171  0.996   -18.194 1.00 73.64 ? 75  ARG A NH2 1 
ATOM   567 N N   . ASP A 1 78 ? -2.442  -2.494  -15.634 1.00 64.74 ? 76  ASP A N   1 
ATOM   568 C CA  . ASP A 1 78 ? -1.991  -3.655  -14.847 1.00 66.66 ? 76  ASP A CA  1 
ATOM   569 C C   . ASP A 1 78 ? -3.193  -4.294  -14.106 1.00 67.43 ? 76  ASP A C   1 
ATOM   570 O O   . ASP A 1 78 ? -3.479  -3.977  -12.930 1.00 68.28 ? 76  ASP A O   1 
ATOM   571 C CB  . ASP A 1 78 ? -0.937  -3.193  -13.811 1.00 66.86 ? 76  ASP A CB  1 
ATOM   572 C CG  . ASP A 1 78 ? -0.065  -4.347  -13.273 1.00 68.19 ? 76  ASP A CG  1 
ATOM   573 O OD1 . ASP A 1 78 ? 0.824   -4.862  -14.009 1.00 67.69 ? 76  ASP A OD1 1 
ATOM   574 O OD2 . ASP A 1 78 ? -0.256  -4.709  -12.097 1.00 65.63 ? 76  ASP A OD2 1 
HETATM 575 C C1  . GOL B 2 .  ? -3.951  -2.522  -5.735  1.00 47.10 ? 101 GOL A C1  1 
HETATM 576 O O1  . GOL B 2 .  ? -4.154  -3.527  -6.715  1.00 50.39 ? 101 GOL A O1  1 
HETATM 577 C C2  . GOL B 2 .  ? -3.051  -2.859  -4.552  1.00 36.09 ? 101 GOL A C2  1 
HETATM 578 O O2  . GOL B 2 .  ? -2.206  -3.944  -4.721  1.00 51.34 ? 101 GOL A O2  1 
HETATM 579 C C3  . GOL B 2 .  ? -3.682  -2.930  -3.128  1.00 44.48 ? 101 GOL A C3  1 
HETATM 580 O O3  . GOL B 2 .  ? -4.940  -3.560  -3.007  1.00 40.40 ? 101 GOL A O3  1 
HETATM 581 C C1  . GOL C 2 .  ? -10.468 10.510  -2.387  1.00 64.14 ? 104 GOL A C1  1 
HETATM 582 O O1  . GOL C 2 .  ? -9.277  10.525  -3.166  1.00 60.96 ? 104 GOL A O1  1 
HETATM 583 C C2  . GOL C 2 .  ? -10.259 10.909  -0.937  1.00 61.75 ? 104 GOL A C2  1 
HETATM 584 O O2  . GOL C 2 .  ? -11.000 12.087  -0.714  1.00 65.52 ? 104 GOL A O2  1 
HETATM 585 C C3  . GOL C 2 .  ? -10.818 9.830   -0.010  1.00 62.31 ? 104 GOL A C3  1 
HETATM 586 O O3  . GOL C 2 .  ? -11.789 9.017   -0.649  1.00 54.17 ? 104 GOL A O3  1 
HETATM 587 C C1  . GOL D 2 .  ? -7.745  9.053   -7.248  1.00 54.74 ? 102 GOL A C1  1 
HETATM 588 O O1  . GOL D 2 .  ? -6.365  8.712   -7.174  1.00 48.31 ? 102 GOL A O1  1 
HETATM 589 C C2  . GOL D 2 .  ? -8.535  8.329   -6.130  0.50 53.27 ? 102 GOL A C2  1 
HETATM 590 O O2  . GOL D 2 .  ? -8.615  7.032   -6.645  0.50 44.14 ? 102 GOL A O2  1 
HETATM 591 C C3  . GOL D 2 .  ? -9.949  8.958   -5.943  1.00 56.03 ? 102 GOL A C3  1 
HETATM 592 O O3  . GOL D 2 .  ? -9.872  10.018  -4.973  1.00 63.42 ? 102 GOL A O3  1 
HETATM 593 C C1  . GOL E 2 .  ? -14.536 5.923   7.571   1.00 49.43 ? 103 GOL A C1  1 
HETATM 594 O O1  . GOL E 2 .  ? -15.782 5.899   6.821   1.00 43.13 ? 103 GOL A O1  1 
HETATM 595 C C2  . GOL E 2 .  ? -13.444 4.916   7.172   1.00 39.24 ? 103 GOL A C2  1 
HETATM 596 O O2  . GOL E 2 .  ? -13.761 3.702   7.751   1.00 48.23 ? 103 GOL A O2  1 
HETATM 597 C C3  . GOL E 2 .  ? -11.984 5.142   7.609   1.00 43.98 ? 103 GOL A C3  1 
HETATM 598 O O3  . GOL E 2 .  ? -11.327 6.241   7.035   1.00 40.95 ? 103 GOL A O3  1 
HETATM 599 O O   . HOH F 3 .  ? 4.308   0.973   2.600   1.00 30.79 ? 105 HOH A O   1 
HETATM 600 O O   . HOH F 3 .  ? -5.520  8.018   -4.196  1.00 26.26 ? 106 HOH A O   1 
HETATM 601 O O   . HOH F 3 .  ? -4.023  7.077   7.136   1.00 33.84 ? 107 HOH A O   1 
HETATM 602 O O   . HOH F 3 .  ? 0.651   -15.017 7.699   0.50 35.78 ? 108 HOH A O   1 
HETATM 603 O O   . HOH F 3 .  ? -6.227  -1.188  -3.076  1.00 35.27 ? 109 HOH A O   1 
HETATM 604 O O   . HOH F 3 .  ? -3.867  -9.508  3.549   1.00 37.98 ? 110 HOH A O   1 
HETATM 605 O O   . HOH F 3 .  ? -10.789 0.627   8.502   1.00 36.12 ? 111 HOH A O   1 
HETATM 606 O O   . HOH F 3 .  ? -5.193  7.126   4.554   1.00 42.35 ? 112 HOH A O   1 
HETATM 607 O O   . HOH F 3 .  ? -10.733 6.623   2.385   1.00 46.05 ? 113 HOH A O   1 
HETATM 608 O O   . HOH F 3 .  ? -4.862  11.601  -3.191  1.00 40.70 ? 114 HOH A O   1 
HETATM 609 O O   . HOH F 3 .  ? 4.363   5.461   0.217   1.00 41.32 ? 115 HOH A O   1 
HETATM 610 O O   . HOH F 3 .  ? -2.446  12.136  -9.754  1.00 48.90 ? 116 HOH A O   1 
HETATM 611 O O   . HOH F 3 .  ? -9.230  7.021   0.706   1.00 43.15 ? 117 HOH A O   1 
HETATM 612 O O   . HOH F 3 .  ? -6.481  10.029  -2.787  1.00 39.56 ? 118 HOH A O   1 
HETATM 613 O O   . HOH F 3 .  ? 4.544   -6.811  -12.988 1.00 48.64 ? 119 HOH A O   1 
HETATM 614 O O   . HOH F 3 .  ? -6.490  -11.742 3.201   1.00 51.44 ? 120 HOH A O   1 
HETATM 615 O O   . HOH F 3 .  ? -3.162  -7.102  7.888   1.00 49.46 ? 121 HOH A O   1 
HETATM 616 O O   . HOH F 3 .  ? 1.644   7.680   -1.924  1.00 36.64 ? 122 HOH A O   1 
HETATM 617 O O   . HOH F 3 .  ? 1.687   -1.987  -12.237 1.00 52.88 ? 123 HOH A O   1 
HETATM 618 O O   . HOH F 3 .  ? 5.371   4.042   2.569   1.00 49.97 ? 124 HOH A O   1 
HETATM 619 O O   . HOH F 3 .  ? -6.990  -1.172  -5.951  1.00 38.33 ? 125 HOH A O   1 
HETATM 620 O O   . HOH F 3 .  ? 6.500   -1.318  10.451  1.00 58.87 ? 126 HOH A O   1 
HETATM 621 O O   . HOH F 3 .  ? -2.923  -6.495  -9.085  1.00 46.53 ? 127 HOH A O   1 
HETATM 622 O O   . HOH F 3 .  ? 5.562   -12.593 10.257  1.00 58.28 ? 128 HOH A O   1 
HETATM 623 O O   . HOH F 3 .  ? -7.267  8.152   0.457   1.00 52.01 ? 129 HOH A O   1 
HETATM 624 O O   . HOH F 3 .  ? 1.348   10.446  -10.624 1.00 55.21 ? 130 HOH A O   1 
HETATM 625 O O   . HOH F 3 .  ? -9.665  6.270   4.924   1.00 38.62 ? 131 HOH A O   1 
HETATM 626 O O   . HOH F 3 .  ? -13.101 2.015   8.510   1.00 34.91 ? 132 HOH A O   1 
# 
